data_8VL4
#
_entry.id   8VL4
#
_entity_poly.entity_id   1
_entity_poly.type   'polypeptide(L)'
_entity_poly.pdbx_seq_one_letter_code
;GLLTREEIEAALKEAGFTEEEIRKVLAWLERVGGERKVLKVAGKILIIVEKRAGSRLLLLYAGRVIEKEGMSREEVEAIK
QLISAGATVEEIEAIIKRIEARGSHHWGSHHHHHH
;
_entity_poly.pdbx_strand_id   A
#
# COMPACT_ATOMS: atom_id res chain seq x y z
N GLY A 1 -16.96 0.67 -3.29
CA GLY A 1 -16.19 0.85 -4.53
C GLY A 1 -14.71 1.10 -4.22
N LEU A 2 -14.15 2.11 -4.87
CA LEU A 2 -12.74 2.44 -4.67
C LEU A 2 -12.59 3.77 -3.94
N LEU A 3 -11.55 3.87 -3.12
CA LEU A 3 -11.29 5.10 -2.36
C LEU A 3 -10.83 6.22 -3.27
N THR A 4 -11.39 7.41 -3.06
CA THR A 4 -11.13 8.54 -3.94
C THR A 4 -9.80 9.21 -3.58
N ARG A 5 -9.27 10.00 -4.50
CA ARG A 5 -7.96 10.62 -4.34
C ARG A 5 -7.95 11.58 -3.16
N GLU A 6 -9.07 12.27 -2.95
CA GLU A 6 -9.19 13.20 -1.85
C GLU A 6 -9.19 12.49 -0.51
N GLU A 7 -9.89 11.35 -0.45
CA GLU A 7 -9.89 10.52 0.75
C GLU A 7 -8.53 9.91 1.02
N ILE A 8 -7.85 9.50 -0.06
CA ILE A 8 -6.48 9.01 0.05
C ILE A 8 -5.55 10.08 0.60
N GLU A 9 -5.67 11.29 0.08
CA GLU A 9 -4.89 12.42 0.57
C GLU A 9 -5.03 12.57 2.08
N ALA A 10 -6.26 12.64 2.56
CA ALA A 10 -6.53 12.81 3.98
C ALA A 10 -5.96 11.65 4.79
N ALA A 11 -6.12 10.44 4.27
CA ALA A 11 -5.64 9.24 4.95
C ALA A 11 -4.12 9.27 5.08
N LEU A 12 -3.45 9.76 4.05
CA LEU A 12 -1.99 9.81 4.02
C LEU A 12 -1.45 10.92 4.91
N LYS A 13 -2.22 12.00 5.03
CA LYS A 13 -1.90 13.06 5.97
C LYS A 13 -1.97 12.57 7.41
N GLU A 14 -2.92 11.67 7.68
CA GLU A 14 -2.97 10.97 8.95
C GLU A 14 -1.77 10.06 9.12
N ALA A 15 -1.45 9.31 8.06
CA ALA A 15 -0.32 8.38 8.09
C ALA A 15 0.99 9.13 8.34
N GLY A 16 1.08 10.35 7.85
CA GLY A 16 2.21 11.23 8.16
C GLY A 16 2.95 11.64 6.89
N PHE A 17 2.20 11.85 5.82
CA PHE A 17 2.78 12.26 4.55
C PHE A 17 2.34 13.67 4.16
N THR A 18 3.22 14.40 3.47
CA THR A 18 2.90 15.74 3.01
C THR A 18 2.17 15.70 1.66
N GLU A 19 1.61 16.83 1.27
CA GLU A 19 0.83 16.91 0.04
C GLU A 19 1.70 16.65 -1.18
N GLU A 20 2.98 17.00 -1.07
CA GLU A 20 3.95 16.71 -2.13
C GLU A 20 4.23 15.21 -2.23
N GLU A 21 4.41 14.58 -1.07
CA GLU A 21 4.57 13.13 -1.02
C GLU A 21 3.32 12.41 -1.49
N ILE A 22 2.16 12.95 -1.11
CA ILE A 22 0.88 12.39 -1.54
C ILE A 22 0.72 12.50 -3.05
N ARG A 23 1.10 13.64 -3.61
CA ARG A 23 1.09 13.83 -5.06
C ARG A 23 1.89 12.75 -5.76
N LYS A 24 3.06 12.43 -5.21
CA LYS A 24 3.90 11.37 -5.75
C LYS A 24 3.20 10.02 -5.69
N VAL A 25 2.51 9.78 -4.58
CA VAL A 25 1.72 8.55 -4.43
C VAL A 25 0.59 8.49 -5.46
N LEU A 26 -0.08 9.62 -5.65
CA LEU A 26 -1.16 9.71 -6.63
C LEU A 26 -0.64 9.43 -8.04
N ALA A 27 0.56 9.92 -8.34
CA ALA A 27 1.21 9.63 -9.61
C ALA A 27 1.47 8.14 -9.78
N TRP A 28 1.91 7.50 -8.70
CA TRP A 28 2.11 6.06 -8.70
C TRP A 28 0.81 5.31 -8.98
N LEU A 29 -0.27 5.77 -8.35
CA LEU A 29 -1.58 5.18 -8.56
C LEU A 29 -2.02 5.32 -10.01
N GLU A 30 -1.76 6.47 -10.60
CA GLU A 30 -2.09 6.72 -11.99
C GLU A 30 -1.17 5.94 -12.92
N ARG A 31 0.09 5.77 -12.51
CA ARG A 31 1.05 5.00 -13.28
C ARG A 31 0.54 3.60 -13.57
N VAL A 32 -0.02 2.96 -12.54
CA VAL A 32 -0.57 1.61 -12.68
C VAL A 32 -1.91 1.64 -13.40
N GLY A 33 -2.82 2.47 -12.90
CA GLY A 33 -4.11 2.68 -13.55
C GLY A 33 -5.05 1.50 -13.30
N GLY A 34 -4.85 0.83 -12.17
CA GLY A 34 -5.68 -0.32 -11.81
C GLY A 34 -6.81 0.10 -10.88
N GLU A 35 -7.36 -0.88 -10.15
CA GLU A 35 -8.41 -0.60 -9.19
C GLU A 35 -7.82 -0.27 -7.82
N ARG A 36 -7.88 1.00 -7.44
CA ARG A 36 -7.20 1.48 -6.25
C ARG A 36 -7.98 1.15 -4.99
N LYS A 37 -7.83 -0.09 -4.51
CA LYS A 37 -8.46 -0.51 -3.26
C LYS A 37 -7.58 -0.14 -2.07
N VAL A 38 -7.78 1.06 -1.54
CA VAL A 38 -6.94 1.57 -0.46
C VAL A 38 -7.64 1.40 0.90
N LEU A 39 -6.97 0.69 1.81
CA LEU A 39 -7.52 0.46 3.13
C LEU A 39 -6.71 1.17 4.21
N LYS A 40 -7.39 1.60 5.27
CA LYS A 40 -6.72 2.21 6.41
C LYS A 40 -6.95 1.39 7.68
N VAL A 41 -5.91 0.68 8.11
CA VAL A 41 -6.02 -0.20 9.27
C VAL A 41 -5.03 0.19 10.36
N ALA A 42 -5.54 0.69 11.48
CA ALA A 42 -4.71 1.06 12.61
C ALA A 42 -3.72 2.15 12.22
N GLY A 43 -4.09 2.99 11.26
CA GLY A 43 -3.25 4.08 10.82
C GLY A 43 -2.45 3.71 9.57
N LYS A 44 -2.26 2.41 9.38
CA LYS A 44 -1.46 1.91 8.27
C LYS A 44 -2.25 1.90 6.97
N ILE A 45 -1.66 2.46 5.92
CA ILE A 45 -2.33 2.57 4.62
C ILE A 45 -1.96 1.41 3.72
N LEU A 46 -2.92 0.54 3.45
CA LEU A 46 -2.71 -0.59 2.55
C LEU A 46 -3.30 -0.33 1.17
N ILE A 47 -2.44 0.02 0.22
CA ILE A 47 -2.87 0.31 -1.14
C ILE A 47 -2.78 -0.94 -2.01
N ILE A 48 -3.93 -1.46 -2.42
CA ILE A 48 -3.98 -2.59 -3.34
C ILE A 48 -4.58 -2.18 -4.68
N VAL A 49 -3.74 -2.15 -5.71
CA VAL A 49 -4.17 -1.72 -7.03
C VAL A 49 -4.23 -2.90 -8.01
N GLU A 50 -5.43 -3.41 -8.22
CA GLU A 50 -5.61 -4.63 -9.00
C GLU A 50 -5.55 -4.34 -10.50
N LYS A 51 -4.90 -5.22 -11.24
CA LYS A 51 -4.72 -5.04 -12.67
C LYS A 51 -4.35 -6.35 -13.37
N ARG A 52 -4.81 -6.50 -14.60
CA ARG A 52 -4.59 -7.73 -15.36
C ARG A 52 -3.10 -7.91 -15.69
N ALA A 53 -2.36 -6.81 -15.67
CA ALA A 53 -0.93 -6.85 -15.93
C ALA A 53 -0.14 -7.08 -14.65
N GLY A 54 -0.86 -7.39 -13.57
CA GLY A 54 -0.23 -7.71 -12.30
C GLY A 54 -0.68 -6.75 -11.21
N SER A 55 -1.17 -7.31 -10.10
CA SER A 55 -1.62 -6.51 -8.98
C SER A 55 -0.45 -5.77 -8.31
N ARG A 56 -0.62 -4.46 -8.13
CA ARG A 56 0.39 -3.66 -7.46
C ARG A 56 0.00 -3.35 -6.02
N LEU A 57 1.00 -3.17 -5.17
CA LEU A 57 0.77 -2.93 -3.75
C LEU A 57 1.74 -1.87 -3.20
N LEU A 58 1.20 -0.94 -2.43
CA LEU A 58 2.00 0.13 -1.85
C LEU A 58 1.67 0.34 -0.39
N LEU A 59 2.67 0.14 0.48
CA LEU A 59 2.50 0.38 1.90
C LEU A 59 2.99 1.77 2.30
N LEU A 60 2.11 2.52 2.94
CA LEU A 60 2.45 3.88 3.36
C LEU A 60 2.09 4.12 4.82
N TYR A 61 3.10 4.46 5.63
CA TYR A 61 2.88 4.79 7.03
C TYR A 61 4.15 5.34 7.67
N ALA A 62 4.02 6.49 8.32
CA ALA A 62 5.13 7.08 9.06
C ALA A 62 6.31 7.39 8.13
N GLY A 63 6.00 7.72 6.88
CA GLY A 63 7.01 8.17 5.94
C GLY A 63 7.59 7.01 5.15
N ARG A 64 7.21 5.80 5.53
CA ARG A 64 7.72 4.60 4.87
C ARG A 64 7.00 4.35 3.55
N VAL A 65 7.76 4.01 2.52
CA VAL A 65 7.20 3.79 1.19
C VAL A 65 7.71 2.47 0.61
N ILE A 66 6.81 1.49 0.56
CA ILE A 66 7.15 0.18 -0.01
C ILE A 66 6.39 -0.07 -1.30
N GLU A 67 7.07 0.10 -2.42
CA GLU A 67 6.47 -0.12 -3.73
C GLU A 67 6.75 -1.52 -4.25
N LYS A 68 5.70 -2.31 -4.44
CA LYS A 68 5.82 -3.65 -4.97
C LYS A 68 4.97 -3.85 -6.22
N GLU A 69 5.48 -4.65 -7.15
CA GLU A 69 4.75 -4.93 -8.39
C GLU A 69 4.67 -6.43 -8.65
N GLY A 70 3.57 -6.87 -9.23
CA GLY A 70 3.38 -8.27 -9.57
C GLY A 70 3.09 -9.11 -8.32
N MET A 71 2.22 -8.58 -7.46
CA MET A 71 1.92 -9.24 -6.19
C MET A 71 0.82 -10.27 -6.35
N SER A 72 1.04 -11.45 -5.76
CA SER A 72 0.02 -12.51 -5.78
C SER A 72 -1.00 -12.30 -4.67
N ARG A 73 -2.12 -13.02 -4.77
CA ARG A 73 -3.19 -12.90 -3.80
C ARG A 73 -2.74 -13.36 -2.42
N GLU A 74 -1.87 -14.37 -2.39
CA GLU A 74 -1.36 -14.91 -1.13
C GLU A 74 -0.43 -13.90 -0.46
N GLU A 75 0.41 -13.25 -1.25
CA GLU A 75 1.33 -12.24 -0.73
C GLU A 75 0.58 -11.04 -0.19
N VAL A 76 -0.41 -10.58 -0.94
CA VAL A 76 -1.23 -9.44 -0.53
C VAL A 76 -2.02 -9.76 0.73
N GLU A 77 -2.58 -10.96 0.78
CA GLU A 77 -3.33 -11.41 1.96
C GLU A 77 -2.45 -11.45 3.19
N ALA A 78 -1.25 -12.00 3.03
CA ALA A 78 -0.29 -12.08 4.13
C ALA A 78 0.04 -10.69 4.68
N ILE A 79 0.26 -9.75 3.77
CA ILE A 79 0.56 -8.37 4.15
C ILE A 79 -0.60 -7.76 4.94
N LYS A 80 -1.82 -7.95 4.43
CA LYS A 80 -3.00 -7.45 5.11
C LYS A 80 -3.11 -8.00 6.52
N GLN A 81 -2.85 -9.30 6.67
CA GLN A 81 -2.91 -9.96 7.97
C GLN A 81 -1.86 -9.40 8.91
N LEU A 82 -0.66 -9.17 8.40
CA LEU A 82 0.43 -8.60 9.19
C LEU A 82 0.06 -7.23 9.74
N ILE A 83 -0.59 -6.43 8.90
CA ILE A 83 -1.07 -5.11 9.32
C ILE A 83 -2.08 -5.22 10.46
N SER A 84 -3.04 -6.12 10.30
CA SER A 84 -4.05 -6.35 11.32
C SER A 84 -3.45 -6.98 12.56
N ALA A 85 -2.29 -7.61 12.40
CA ALA A 85 -1.58 -8.20 13.52
C ALA A 85 -0.85 -7.14 14.34
N GLY A 86 -0.74 -5.95 13.78
CA GLY A 86 -0.11 -4.82 14.47
C GLY A 86 1.34 -4.67 14.07
N ALA A 87 1.72 -5.33 12.96
CA ALA A 87 3.07 -5.23 12.45
C ALA A 87 3.28 -3.93 11.67
N THR A 88 4.49 -3.39 11.74
CA THR A 88 4.82 -2.15 11.05
C THR A 88 5.22 -2.42 9.60
N VAL A 89 5.26 -1.38 8.80
CA VAL A 89 5.59 -1.50 7.38
C VAL A 89 6.98 -2.10 7.20
N GLU A 90 7.92 -1.67 8.03
CA GLU A 90 9.29 -2.18 7.98
C GLU A 90 9.33 -3.67 8.28
N GLU A 91 8.58 -4.08 9.31
CA GLU A 91 8.50 -5.49 9.67
C GLU A 91 7.84 -6.31 8.57
N ILE A 92 6.81 -5.75 7.95
CA ILE A 92 6.13 -6.40 6.83
C ILE A 92 7.08 -6.61 5.65
N GLU A 93 7.86 -5.57 5.34
CA GLU A 93 8.83 -5.65 4.25
C GLU A 93 9.86 -6.74 4.51
N ALA A 94 10.28 -6.87 5.77
CA ALA A 94 11.19 -7.92 6.17
C ALA A 94 10.61 -9.30 5.85
N ILE A 95 9.32 -9.47 6.12
CA ILE A 95 8.63 -10.71 5.81
C ILE A 95 8.52 -10.91 4.30
N ILE A 96 8.25 -9.83 3.58
CA ILE A 96 8.18 -9.87 2.12
C ILE A 96 9.50 -10.31 1.52
N LYS A 97 10.60 -9.78 2.06
CA LYS A 97 11.93 -10.17 1.62
C LYS A 97 12.16 -11.65 1.81
N ARG A 98 11.69 -12.19 2.93
CA ARG A 98 11.78 -13.61 3.21
C ARG A 98 10.97 -14.42 2.21
N ILE A 99 9.82 -13.88 1.80
CA ILE A 99 9.02 -14.48 0.75
C ILE A 99 9.74 -14.44 -0.59
N GLU A 100 10.31 -13.28 -0.91
CA GLU A 100 11.01 -13.09 -2.17
C GLU A 100 12.24 -13.99 -2.25
N ALA A 101 12.81 -14.30 -1.09
CA ALA A 101 13.99 -15.15 -1.03
C ALA A 101 13.65 -16.59 -1.38
N ARG A 102 12.37 -16.93 -1.30
CA ARG A 102 11.92 -18.29 -1.56
C ARG A 102 11.52 -18.47 -3.03
N GLY A 1 -17.40 1.33 -3.52
CA GLY A 1 -16.58 0.64 -4.49
C GLY A 1 -15.13 1.11 -4.44
N LEU A 2 -14.76 1.94 -5.40
CA LEU A 2 -13.39 2.47 -5.47
C LEU A 2 -13.31 3.85 -4.83
N LEU A 3 -12.09 4.26 -4.49
CA LEU A 3 -11.87 5.54 -3.83
C LEU A 3 -11.23 6.55 -4.77
N THR A 4 -11.52 7.82 -4.55
CA THR A 4 -10.98 8.89 -5.39
C THR A 4 -9.62 9.35 -4.88
N ARG A 5 -8.94 10.18 -5.67
CA ARG A 5 -7.63 10.71 -5.31
C ARG A 5 -7.71 11.53 -4.02
N GLU A 6 -8.80 12.27 -3.86
CA GLU A 6 -9.00 13.09 -2.68
C GLU A 6 -9.19 12.23 -1.43
N GLU A 7 -9.91 11.13 -1.59
CA GLU A 7 -10.10 10.18 -0.50
C GLU A 7 -8.80 9.48 -0.14
N ILE A 8 -8.00 9.16 -1.16
CA ILE A 8 -6.66 8.61 -0.95
C ILE A 8 -5.76 9.60 -0.24
N GLU A 9 -5.83 10.86 -0.66
CA GLU A 9 -5.08 11.93 0.00
C GLU A 9 -5.43 12.00 1.49
N ALA A 10 -6.72 12.00 1.78
CA ALA A 10 -7.20 12.08 3.16
C ALA A 10 -6.66 10.91 3.99
N ALA A 11 -6.65 9.73 3.39
CA ALA A 11 -6.13 8.54 4.05
C ALA A 11 -4.67 8.71 4.44
N LEU A 12 -3.86 9.16 3.48
CA LEU A 12 -2.43 9.36 3.71
C LEU A 12 -2.18 10.57 4.60
N LYS A 13 -3.08 11.55 4.54
CA LYS A 13 -3.02 12.69 5.42
C LYS A 13 -3.13 12.28 6.89
N GLU A 14 -4.04 11.37 7.17
CA GLU A 14 -4.18 10.82 8.51
C GLU A 14 -2.95 10.03 8.92
N ALA A 15 -2.38 9.30 7.96
CA ALA A 15 -1.15 8.55 8.19
C ALA A 15 -0.01 9.48 8.57
N GLY A 16 0.04 10.64 7.93
CA GLY A 16 0.99 11.69 8.31
C GLY A 16 1.93 12.03 7.16
N PHE A 17 1.38 12.01 5.94
CA PHE A 17 2.15 12.35 4.76
C PHE A 17 1.80 13.73 4.23
N THR A 18 2.77 14.40 3.62
CA THR A 18 2.57 15.77 3.16
C THR A 18 1.95 15.80 1.77
N GLU A 19 1.52 16.98 1.34
CA GLU A 19 0.91 17.14 0.02
C GLU A 19 1.84 16.66 -1.08
N GLU A 20 3.11 17.06 -1.00
CA GLU A 20 4.10 16.65 -1.98
C GLU A 20 4.21 15.12 -2.07
N GLU A 21 4.37 14.49 -0.91
CA GLU A 21 4.51 13.04 -0.84
C GLU A 21 3.28 12.34 -1.40
N ILE A 22 2.11 12.82 -0.99
CA ILE A 22 0.84 12.24 -1.45
C ILE A 22 0.65 12.45 -2.94
N ARG A 23 0.91 13.67 -3.40
CA ARG A 23 0.74 14.01 -4.82
C ARG A 23 1.57 13.09 -5.71
N LYS A 24 2.80 12.81 -5.28
CA LYS A 24 3.68 11.90 -6.00
C LYS A 24 3.06 10.51 -6.10
N VAL A 25 2.52 10.03 -4.98
CA VAL A 25 1.86 8.73 -4.96
C VAL A 25 0.64 8.72 -5.88
N LEU A 26 -0.16 9.77 -5.81
CA LEU A 26 -1.37 9.88 -6.62
C LEU A 26 -1.02 9.87 -8.11
N ALA A 27 0.05 10.55 -8.46
CA ALA A 27 0.54 10.56 -9.83
C ALA A 27 0.92 9.16 -10.29
N TRP A 28 1.63 8.44 -9.43
CA TRP A 28 2.03 7.07 -9.73
C TRP A 28 0.82 6.16 -9.90
N LEU A 29 -0.20 6.38 -9.08
CA LEU A 29 -1.43 5.61 -9.16
C LEU A 29 -2.17 5.86 -10.47
N GLU A 30 -2.11 7.11 -10.94
CA GLU A 30 -2.71 7.46 -12.21
C GLU A 30 -1.94 6.86 -13.38
N ARG A 31 -0.62 6.79 -13.22
CA ARG A 31 0.24 6.20 -14.26
C ARG A 31 -0.07 4.73 -14.46
N VAL A 32 -0.36 4.03 -13.38
CA VAL A 32 -0.74 2.62 -13.44
C VAL A 32 -2.18 2.47 -13.93
N GLY A 33 -3.09 3.19 -13.30
CA GLY A 33 -4.51 3.14 -13.67
C GLY A 33 -5.17 1.89 -13.10
N GLY A 34 -6.34 1.55 -13.64
CA GLY A 34 -7.08 0.37 -13.20
C GLY A 34 -7.87 0.66 -11.94
N GLU A 35 -8.46 -0.38 -11.36
CA GLU A 35 -9.21 -0.25 -10.12
C GLU A 35 -8.29 0.09 -8.95
N ARG A 36 -8.75 1.01 -8.11
CA ARG A 36 -7.95 1.47 -6.97
C ARG A 36 -8.80 1.59 -5.71
N LYS A 37 -8.46 0.81 -4.69
CA LYS A 37 -9.17 0.85 -3.43
C LYS A 37 -8.22 0.71 -2.24
N VAL A 38 -8.43 1.53 -1.22
CA VAL A 38 -7.48 1.64 -0.12
C VAL A 38 -8.08 1.09 1.18
N LEU A 39 -7.31 0.27 1.88
CA LEU A 39 -7.70 -0.22 3.19
C LEU A 39 -6.96 0.53 4.30
N LYS A 40 -7.69 0.89 5.35
CA LYS A 40 -7.10 1.58 6.49
C LYS A 40 -7.21 0.74 7.76
N VAL A 41 -6.11 0.09 8.13
CA VAL A 41 -6.09 -0.82 9.26
C VAL A 41 -4.91 -0.53 10.18
N ALA A 42 -5.20 -0.35 11.47
CA ALA A 42 -4.16 -0.08 12.46
C ALA A 42 -3.40 1.20 12.15
N GLY A 43 -4.04 2.09 11.39
CA GLY A 43 -3.46 3.37 11.05
C GLY A 43 -2.63 3.29 9.77
N LYS A 44 -2.51 2.08 9.24
CA LYS A 44 -1.68 1.84 8.06
C LYS A 44 -2.51 1.92 6.79
N ILE A 45 -1.97 2.56 5.76
CA ILE A 45 -2.70 2.80 4.52
C ILE A 45 -2.25 1.85 3.42
N LEU A 46 -3.07 0.84 3.14
CA LEU A 46 -2.76 -0.15 2.12
C LEU A 46 -3.53 0.12 0.83
N ILE A 47 -2.81 0.58 -0.19
CA ILE A 47 -3.43 0.93 -1.46
C ILE A 47 -3.42 -0.25 -2.42
N ILE A 48 -4.61 -0.75 -2.77
CA ILE A 48 -4.74 -1.89 -3.66
C ILE A 48 -5.02 -1.44 -5.09
N VAL A 49 -4.12 -1.79 -6.00
CA VAL A 49 -4.20 -1.33 -7.38
C VAL A 49 -4.26 -2.50 -8.35
N GLU A 50 -5.22 -2.44 -9.28
CA GLU A 50 -5.33 -3.46 -10.31
C GLU A 50 -4.07 -3.52 -11.17
N LYS A 51 -3.57 -4.74 -11.38
CA LYS A 51 -2.38 -4.95 -12.19
C LYS A 51 -2.44 -6.28 -12.94
N ARG A 52 -2.34 -6.20 -14.27
CA ARG A 52 -2.54 -7.37 -15.11
C ARG A 52 -1.42 -8.39 -14.93
N ALA A 53 -0.26 -7.90 -14.51
CA ALA A 53 0.89 -8.76 -14.28
C ALA A 53 0.88 -9.33 -12.86
N GLY A 54 -0.19 -9.07 -12.14
CA GLY A 54 -0.32 -9.51 -10.76
C GLY A 54 -0.55 -8.33 -9.81
N SER A 55 -1.59 -8.44 -9.00
CA SER A 55 -2.02 -7.32 -8.17
C SER A 55 -0.86 -6.66 -7.45
N ARG A 56 -0.89 -5.35 -7.34
CA ARG A 56 0.20 -4.60 -6.73
C ARG A 56 -0.30 -3.76 -5.56
N LEU A 57 0.59 -3.52 -4.59
CA LEU A 57 0.22 -2.83 -3.36
C LEU A 57 1.15 -1.66 -3.07
N LEU A 58 0.57 -0.56 -2.58
CA LEU A 58 1.36 0.52 -2.03
C LEU A 58 1.01 0.77 -0.56
N LEU A 59 1.82 0.21 0.33
CA LEU A 59 1.58 0.33 1.76
C LEU A 59 2.38 1.48 2.37
N LEU A 60 1.67 2.50 2.85
CA LEU A 60 2.31 3.69 3.39
C LEU A 60 1.99 3.86 4.88
N TYR A 61 3.00 4.23 5.65
CA TYR A 61 2.82 4.45 7.08
C TYR A 61 4.07 5.05 7.71
N ALA A 62 3.90 6.14 8.45
CA ALA A 62 4.97 6.69 9.26
C ALA A 62 6.15 7.12 8.41
N GLY A 63 5.87 7.59 7.19
CA GLY A 63 6.89 8.10 6.31
C GLY A 63 7.47 7.01 5.41
N ARG A 64 7.08 5.77 5.70
CA ARG A 64 7.57 4.62 4.94
C ARG A 64 6.61 4.25 3.82
N VAL A 65 7.13 3.61 2.78
CA VAL A 65 6.31 3.15 1.67
C VAL A 65 6.83 1.84 1.11
N ILE A 66 5.93 0.88 0.92
CA ILE A 66 6.28 -0.38 0.28
C ILE A 66 5.57 -0.54 -1.07
N GLU A 67 6.33 -0.47 -2.14
CA GLU A 67 5.78 -0.61 -3.48
C GLU A 67 6.15 -1.96 -4.10
N LYS A 68 5.16 -2.83 -4.21
CA LYS A 68 5.38 -4.17 -4.76
C LYS A 68 4.32 -4.52 -5.79
N GLU A 69 4.71 -5.32 -6.79
CA GLU A 69 3.79 -5.74 -7.84
C GLU A 69 4.05 -7.20 -8.23
N GLY A 70 3.04 -7.83 -8.81
CA GLY A 70 3.11 -9.25 -9.13
C GLY A 70 2.79 -10.10 -7.92
N MET A 71 2.00 -9.55 -7.00
CA MET A 71 1.68 -10.22 -5.74
C MET A 71 0.54 -11.21 -5.91
N SER A 72 0.73 -12.42 -5.40
CA SER A 72 -0.30 -13.44 -5.43
C SER A 72 -1.35 -13.18 -4.35
N ARG A 73 -2.48 -13.89 -4.45
CA ARG A 73 -3.55 -13.75 -3.46
C ARG A 73 -3.03 -13.96 -2.05
N GLU A 74 -2.25 -15.02 -1.85
CA GLU A 74 -1.74 -15.36 -0.53
C GLU A 74 -0.78 -14.30 -0.03
N GLU A 75 0.04 -13.77 -0.93
CA GLU A 75 1.01 -12.74 -0.57
C GLU A 75 0.32 -11.45 -0.14
N VAL A 76 -0.73 -11.08 -0.88
CA VAL A 76 -1.53 -9.92 -0.53
C VAL A 76 -2.22 -10.11 0.82
N GLU A 77 -2.79 -11.28 1.03
CA GLU A 77 -3.44 -11.60 2.29
C GLU A 77 -2.46 -11.58 3.45
N ALA A 78 -1.27 -12.10 3.21
CA ALA A 78 -0.22 -12.14 4.24
C ALA A 78 0.15 -10.73 4.69
N ILE A 79 0.29 -9.82 3.75
CA ILE A 79 0.69 -8.45 4.04
C ILE A 79 -0.35 -7.75 4.91
N LYS A 80 -1.61 -7.84 4.50
CA LYS A 80 -2.70 -7.19 5.22
C LYS A 80 -2.99 -7.91 6.54
N GLN A 81 -2.62 -9.18 6.61
CA GLN A 81 -2.70 -9.93 7.86
C GLN A 81 -1.67 -9.43 8.86
N LEU A 82 -0.47 -9.15 8.37
CA LEU A 82 0.59 -8.60 9.22
C LEU A 82 0.18 -7.25 9.80
N ILE A 83 -0.50 -6.45 8.98
CA ILE A 83 -1.02 -5.17 9.43
C ILE A 83 -2.02 -5.35 10.57
N SER A 84 -2.98 -6.25 10.39
CA SER A 84 -3.98 -6.53 11.40
C SER A 84 -3.37 -7.26 12.59
N ALA A 85 -2.21 -7.89 12.37
CA ALA A 85 -1.52 -8.61 13.43
C ALA A 85 -0.84 -7.64 14.39
N GLY A 86 -0.70 -6.39 13.96
CA GLY A 86 -0.08 -5.35 14.79
C GLY A 86 1.40 -5.20 14.48
N ALA A 87 1.83 -5.80 13.38
CA ALA A 87 3.21 -5.65 12.91
C ALA A 87 3.44 -4.28 12.28
N THR A 88 4.65 -3.78 12.41
CA THR A 88 4.99 -2.46 11.88
C THR A 88 5.30 -2.54 10.39
N VAL A 89 5.23 -1.40 9.73
CA VAL A 89 5.45 -1.33 8.28
C VAL A 89 6.88 -1.70 7.92
N GLU A 90 7.80 -1.46 8.84
CA GLU A 90 9.20 -1.80 8.63
C GLU A 90 9.42 -3.30 8.76
N GLU A 91 8.74 -3.93 9.72
CA GLU A 91 8.76 -5.38 9.86
C GLU A 91 8.12 -6.05 8.64
N ILE A 92 7.00 -5.49 8.18
CA ILE A 92 6.33 -6.00 6.99
C ILE A 92 7.25 -5.95 5.78
N GLU A 93 7.94 -4.82 5.61
CA GLU A 93 8.91 -4.68 4.54
C GLU A 93 9.94 -5.81 4.58
N ALA A 94 10.53 -6.02 5.76
CA ALA A 94 11.55 -7.04 5.92
C ALA A 94 11.00 -8.43 5.60
N ILE A 95 9.79 -8.71 6.06
CA ILE A 95 9.14 -9.99 5.82
C ILE A 95 8.92 -10.23 4.34
N ILE A 96 8.46 -9.20 3.64
CA ILE A 96 8.27 -9.27 2.20
C ILE A 96 9.58 -9.58 1.48
N LYS A 97 10.65 -8.92 1.91
CA LYS A 97 11.98 -9.16 1.35
C LYS A 97 12.42 -10.59 1.59
N ARG A 98 12.09 -11.12 2.77
CA ARG A 98 12.39 -12.51 3.09
C ARG A 98 11.60 -13.47 2.20
N ILE A 99 10.35 -13.11 1.92
CA ILE A 99 9.53 -13.88 0.99
C ILE A 99 10.14 -13.90 -0.40
N GLU A 100 10.64 -12.75 -0.83
CA GLU A 100 11.32 -12.64 -2.12
C GLU A 100 12.59 -13.49 -2.14
N ALA A 101 13.30 -13.52 -1.02
CA ALA A 101 14.51 -14.33 -0.91
C ALA A 101 14.20 -15.81 -1.02
N ARG A 102 13.09 -16.22 -0.41
CA ARG A 102 12.65 -17.62 -0.47
C ARG A 102 12.24 -18.00 -1.88
N GLY A 1 -13.44 -0.42 0.97
CA GLY A 1 -13.06 -0.69 -0.42
C GLY A 1 -12.01 0.30 -0.90
N LEU A 2 -12.37 1.11 -1.89
CA LEU A 2 -11.48 2.12 -2.42
C LEU A 2 -11.82 3.51 -1.89
N LEU A 3 -10.86 4.12 -1.21
CA LEU A 3 -11.03 5.48 -0.71
C LEU A 3 -10.78 6.51 -1.81
N THR A 4 -11.40 7.68 -1.67
CA THR A 4 -11.19 8.77 -2.62
C THR A 4 -9.87 9.48 -2.37
N ARG A 5 -9.43 10.27 -3.34
CA ARG A 5 -8.14 10.94 -3.26
C ARG A 5 -8.07 11.86 -2.05
N GLU A 6 -9.19 12.48 -1.71
CA GLU A 6 -9.27 13.34 -0.54
C GLU A 6 -9.21 12.52 0.74
N GLU A 7 -9.88 11.38 0.74
CA GLU A 7 -9.83 10.47 1.89
C GLU A 7 -8.44 9.87 2.05
N ILE A 8 -7.79 9.57 0.93
CA ILE A 8 -6.42 9.08 0.95
C ILE A 8 -5.47 10.13 1.50
N GLU A 9 -5.66 11.38 1.08
CA GLU A 9 -4.89 12.50 1.60
C GLU A 9 -4.94 12.54 3.12
N ALA A 10 -6.15 12.54 3.67
CA ALA A 10 -6.35 12.55 5.11
C ALA A 10 -5.77 11.30 5.75
N ALA A 11 -5.92 10.16 5.09
CA ALA A 11 -5.41 8.90 5.59
C ALA A 11 -3.89 8.91 5.68
N LEU A 12 -3.25 9.46 4.65
CA LEU A 12 -1.79 9.52 4.60
C LEU A 12 -1.26 10.59 5.55
N LYS A 13 -2.05 11.63 5.75
CA LYS A 13 -1.74 12.65 6.76
C LYS A 13 -1.59 12.02 8.14
N GLU A 14 -2.53 11.15 8.49
CA GLU A 14 -2.43 10.36 9.71
C GLU A 14 -1.21 9.45 9.68
N ALA A 15 -1.01 8.79 8.55
CA ALA A 15 0.11 7.86 8.40
C ALA A 15 1.44 8.57 8.63
N GLY A 16 1.52 9.83 8.21
CA GLY A 16 2.69 10.65 8.50
C GLY A 16 3.34 11.16 7.23
N PHE A 17 2.51 11.46 6.23
CA PHE A 17 3.01 12.00 4.97
C PHE A 17 2.65 13.48 4.82
N THR A 18 3.53 14.23 4.15
CA THR A 18 3.28 15.63 3.88
C THR A 18 2.45 15.81 2.62
N GLU A 19 1.96 17.03 2.40
CA GLU A 19 1.15 17.34 1.23
C GLU A 19 1.87 16.93 -0.05
N GLU A 20 3.13 17.33 -0.17
CA GLU A 20 3.95 16.97 -1.33
C GLU A 20 4.01 15.46 -1.51
N GLU A 21 4.33 14.76 -0.44
CA GLU A 21 4.46 13.31 -0.48
C GLU A 21 3.14 12.65 -0.86
N ILE A 22 2.04 13.17 -0.32
CA ILE A 22 0.71 12.67 -0.63
C ILE A 22 0.39 12.83 -2.10
N ARG A 23 0.68 14.01 -2.65
CA ARG A 23 0.45 14.29 -4.06
C ARG A 23 1.24 13.35 -4.95
N LYS A 24 2.46 13.02 -4.52
CA LYS A 24 3.31 12.09 -5.24
C LYS A 24 2.70 10.69 -5.25
N VAL A 25 2.24 10.25 -4.09
CA VAL A 25 1.60 8.94 -3.96
C VAL A 25 0.36 8.86 -4.85
N LEU A 26 -0.48 9.88 -4.80
CA LEU A 26 -1.68 9.93 -5.61
C LEU A 26 -1.35 9.93 -7.10
N ALA A 27 -0.31 10.67 -7.47
CA ALA A 27 0.15 10.71 -8.85
C ALA A 27 0.63 9.34 -9.31
N TRP A 28 1.40 8.68 -8.45
CA TRP A 28 1.92 7.35 -8.76
C TRP A 28 0.78 6.35 -8.97
N LEU A 29 -0.25 6.45 -8.14
CA LEU A 29 -1.41 5.58 -8.25
C LEU A 29 -2.16 5.81 -9.56
N GLU A 30 -2.26 7.07 -9.96
CA GLU A 30 -2.90 7.43 -11.21
C GLU A 30 -2.09 6.93 -12.40
N ARG A 31 -0.77 6.94 -12.27
CA ARG A 31 0.12 6.45 -13.31
C ARG A 31 -0.05 4.95 -13.50
N VAL A 32 -0.28 4.24 -12.41
CA VAL A 32 -0.53 2.80 -12.46
C VAL A 32 -1.92 2.51 -13.01
N GLY A 33 -2.93 3.15 -12.42
CA GLY A 33 -4.30 2.99 -12.88
C GLY A 33 -4.87 1.62 -12.48
N GLY A 34 -5.94 1.22 -13.13
CA GLY A 34 -6.54 -0.09 -12.90
C GLY A 34 -7.42 -0.08 -11.66
N GLU A 35 -8.02 -1.23 -11.35
CA GLU A 35 -8.81 -1.38 -10.14
C GLU A 35 -7.93 -1.57 -8.92
N ARG A 36 -8.23 -0.84 -7.84
CA ARG A 36 -7.43 -0.88 -6.64
C ARG A 36 -8.27 -0.56 -5.41
N LYS A 37 -7.76 -0.92 -4.24
CA LYS A 37 -8.43 -0.62 -2.98
C LYS A 37 -7.46 -0.07 -1.95
N VAL A 38 -7.98 0.70 -0.99
CA VAL A 38 -7.14 1.32 0.03
C VAL A 38 -7.56 0.88 1.43
N LEU A 39 -6.64 0.24 2.13
CA LEU A 39 -6.91 -0.25 3.49
C LEU A 39 -6.29 0.67 4.53
N LYS A 40 -7.11 1.11 5.48
CA LYS A 40 -6.65 2.02 6.53
C LYS A 40 -6.79 1.38 7.90
N VAL A 41 -5.67 0.95 8.47
CA VAL A 41 -5.67 0.31 9.78
C VAL A 41 -4.67 0.98 10.72
N ALA A 42 -5.19 1.72 11.69
CA ALA A 42 -4.37 2.27 12.76
C ALA A 42 -3.18 3.03 12.19
N GLY A 43 -3.42 3.83 11.16
CA GLY A 43 -2.39 4.73 10.63
C GLY A 43 -1.72 4.12 9.40
N LYS A 44 -1.74 2.81 9.32
CA LYS A 44 -1.03 2.10 8.25
C LYS A 44 -1.90 1.99 7.00
N ILE A 45 -1.38 2.49 5.89
CA ILE A 45 -2.14 2.53 4.63
C ILE A 45 -1.62 1.49 3.64
N LEU A 46 -2.52 0.65 3.15
CA LEU A 46 -2.16 -0.36 2.16
C LEU A 46 -2.96 -0.18 0.87
N ILE A 47 -2.25 -0.02 -0.24
CA ILE A 47 -2.89 0.10 -1.54
C ILE A 47 -2.58 -1.11 -2.42
N ILE A 48 -3.63 -1.83 -2.83
CA ILE A 48 -3.48 -3.01 -3.66
C ILE A 48 -4.08 -2.79 -5.04
N VAL A 49 -3.26 -2.95 -6.08
CA VAL A 49 -3.72 -2.78 -7.45
C VAL A 49 -3.81 -4.12 -8.16
N GLU A 50 -4.96 -4.38 -8.78
CA GLU A 50 -5.16 -5.60 -9.54
C GLU A 50 -5.54 -5.31 -10.99
N LYS A 51 -4.70 -5.79 -11.91
CA LYS A 51 -4.96 -5.60 -13.33
C LYS A 51 -4.18 -6.61 -14.17
N ARG A 52 -4.60 -6.79 -15.42
CA ARG A 52 -4.00 -7.80 -16.29
C ARG A 52 -2.58 -7.43 -16.66
N ALA A 53 -2.25 -6.15 -16.55
CA ALA A 53 -0.91 -5.68 -16.89
C ALA A 53 0.09 -5.98 -15.77
N GLY A 54 -0.45 -6.36 -14.61
CA GLY A 54 0.39 -6.71 -13.47
C GLY A 54 -0.11 -6.03 -12.20
N SER A 55 -0.10 -6.77 -11.10
CA SER A 55 -0.56 -6.24 -9.82
C SER A 55 0.55 -5.43 -9.14
N ARG A 56 0.15 -4.54 -8.23
CA ARG A 56 1.11 -3.76 -7.46
C ARG A 56 0.63 -3.56 -6.03
N LEU A 57 1.57 -3.27 -5.14
CA LEU A 57 1.25 -3.06 -3.72
C LEU A 57 2.09 -1.95 -3.12
N LEU A 58 1.44 -1.08 -2.36
CA LEU A 58 2.14 0.01 -1.69
C LEU A 58 1.95 -0.08 -0.18
N LEU A 59 3.07 -0.11 0.55
CA LEU A 59 3.04 0.07 2.00
C LEU A 59 3.39 1.50 2.39
N LEU A 60 2.41 2.22 2.91
CA LEU A 60 2.57 3.64 3.20
C LEU A 60 2.34 3.93 4.67
N TYR A 61 3.42 4.26 5.38
CA TYR A 61 3.33 4.65 6.77
C TYR A 61 4.62 5.32 7.24
N ALA A 62 4.48 6.42 7.98
CA ALA A 62 5.61 7.07 8.61
C ALA A 62 6.62 7.56 7.58
N GLY A 63 6.13 7.88 6.39
CA GLY A 63 6.97 8.43 5.33
C GLY A 63 7.58 7.32 4.49
N ARG A 64 7.47 6.08 4.96
CA ARG A 64 8.07 4.94 4.28
C ARG A 64 7.19 4.47 3.14
N VAL A 65 7.80 4.29 1.96
CA VAL A 65 7.09 3.82 0.79
C VAL A 65 7.72 2.56 0.22
N ILE A 66 7.03 1.44 0.37
CA ILE A 66 7.47 0.18 -0.21
C ILE A 66 6.61 -0.20 -1.41
N GLU A 67 7.23 -0.24 -2.60
CA GLU A 67 6.52 -0.58 -3.82
C GLU A 67 6.83 -2.00 -4.27
N LYS A 68 5.79 -2.81 -4.44
CA LYS A 68 5.95 -4.17 -4.94
C LYS A 68 5.13 -4.39 -6.21
N GLU A 69 5.52 -5.39 -6.99
CA GLU A 69 4.87 -5.67 -8.26
C GLU A 69 4.82 -7.16 -8.55
N GLY A 70 3.69 -7.64 -9.04
CA GLY A 70 3.50 -9.06 -9.29
C GLY A 70 3.05 -9.78 -8.03
N MET A 71 2.31 -9.09 -7.18
CA MET A 71 1.88 -9.64 -5.91
C MET A 71 0.61 -10.48 -6.07
N SER A 72 0.62 -11.67 -5.48
CA SER A 72 -0.53 -12.56 -5.53
C SER A 72 -1.52 -12.23 -4.41
N ARG A 73 -2.74 -12.76 -4.53
CA ARG A 73 -3.79 -12.47 -3.57
C ARG A 73 -3.45 -13.03 -2.19
N GLU A 74 -2.73 -14.15 -2.18
CA GLU A 74 -2.29 -14.77 -0.93
C GLU A 74 -1.25 -13.92 -0.23
N GLU A 75 -0.32 -13.37 -1.01
CA GLU A 75 0.77 -12.57 -0.46
C GLU A 75 0.24 -11.28 0.16
N VAL A 76 -0.66 -10.61 -0.55
CA VAL A 76 -1.19 -9.32 -0.10
C VAL A 76 -2.15 -9.50 1.07
N GLU A 77 -2.77 -10.68 1.14
CA GLU A 77 -3.63 -11.02 2.26
C GLU A 77 -2.82 -11.24 3.54
N ALA A 78 -1.68 -11.91 3.40
CA ALA A 78 -0.75 -12.06 4.51
C ALA A 78 -0.25 -10.71 5.02
N ILE A 79 0.01 -9.81 4.09
CA ILE A 79 0.41 -8.44 4.44
C ILE A 79 -0.70 -7.73 5.20
N LYS A 80 -1.93 -7.88 4.72
CA LYS A 80 -3.09 -7.34 5.40
C LYS A 80 -3.16 -7.83 6.84
N GLN A 81 -2.89 -9.11 7.03
CA GLN A 81 -2.89 -9.70 8.36
C GLN A 81 -1.80 -9.10 9.25
N LEU A 82 -0.62 -8.91 8.67
CA LEU A 82 0.50 -8.30 9.38
C LEU A 82 0.16 -6.89 9.84
N ILE A 83 -0.51 -6.14 8.98
CA ILE A 83 -0.93 -4.78 9.31
C ILE A 83 -1.93 -4.78 10.45
N SER A 84 -2.90 -5.69 10.39
CA SER A 84 -3.89 -5.82 11.45
C SER A 84 -3.26 -6.32 12.74
N ALA A 85 -2.11 -6.97 12.62
CA ALA A 85 -1.36 -7.43 13.79
C ALA A 85 -0.57 -6.29 14.41
N GLY A 86 -0.48 -5.17 13.69
CA GLY A 86 0.21 -3.99 14.19
C GLY A 86 1.69 -4.03 13.82
N ALA A 87 2.01 -4.73 12.73
CA ALA A 87 3.39 -4.84 12.26
C ALA A 87 3.82 -3.58 11.54
N THR A 88 5.09 -3.22 11.70
CA THR A 88 5.64 -2.05 11.03
C THR A 88 5.97 -2.36 9.57
N VAL A 89 5.76 -1.37 8.70
CA VAL A 89 5.98 -1.56 7.27
C VAL A 89 7.34 -2.20 7.00
N GLU A 90 8.35 -1.73 7.69
CA GLU A 90 9.71 -2.26 7.54
C GLU A 90 9.77 -3.72 7.98
N GLU A 91 9.05 -4.04 9.05
CA GLU A 91 8.94 -5.42 9.52
C GLU A 91 8.18 -6.28 8.51
N ILE A 92 7.14 -5.71 7.92
CA ILE A 92 6.39 -6.41 6.87
C ILE A 92 7.26 -6.69 5.66
N GLU A 93 8.07 -5.71 5.27
CA GLU A 93 8.99 -5.88 4.15
C GLU A 93 9.96 -7.02 4.41
N ALA A 94 10.43 -7.12 5.65
CA ALA A 94 11.31 -8.22 6.05
C ALA A 94 10.64 -9.56 5.83
N ILE A 95 9.36 -9.64 6.17
CA ILE A 95 8.58 -10.86 5.95
C ILE A 95 8.39 -11.13 4.46
N ILE A 96 8.13 -10.07 3.71
CA ILE A 96 7.98 -10.18 2.26
C ILE A 96 9.26 -10.72 1.61
N LYS A 97 10.40 -10.23 2.07
CA LYS A 97 11.69 -10.72 1.60
C LYS A 97 11.85 -12.22 1.86
N ARG A 98 11.38 -12.66 3.02
CA ARG A 98 11.40 -14.08 3.35
C ARG A 98 10.48 -14.87 2.42
N ILE A 99 9.36 -14.28 2.06
CA ILE A 99 8.46 -14.87 1.08
C ILE A 99 9.12 -14.93 -0.30
N GLU A 100 9.76 -13.84 -0.69
CA GLU A 100 10.45 -13.77 -1.97
C GLU A 100 11.58 -14.80 -2.06
N ALA A 101 12.21 -15.06 -0.93
CA ALA A 101 13.33 -15.99 -0.87
C ALA A 101 12.84 -17.43 -0.63
N ARG A 102 11.52 -17.59 -0.57
CA ARG A 102 10.93 -18.90 -0.32
C ARG A 102 10.48 -19.56 -1.63
N GLY A 1 -13.49 0.20 -1.04
CA GLY A 1 -12.82 -0.17 -2.28
C GLY A 1 -11.96 0.96 -2.81
N LEU A 2 -12.27 1.43 -4.02
CA LEU A 2 -11.51 2.50 -4.65
C LEU A 2 -11.90 3.85 -4.08
N LEU A 3 -10.95 4.51 -3.41
CA LEU A 3 -11.18 5.83 -2.86
C LEU A 3 -10.70 6.93 -3.81
N THR A 4 -11.23 8.13 -3.63
CA THR A 4 -10.85 9.26 -4.46
C THR A 4 -9.56 9.90 -3.97
N ARG A 5 -8.99 10.78 -4.77
CA ARG A 5 -7.71 11.42 -4.45
C ARG A 5 -7.82 12.23 -3.17
N GLU A 6 -8.98 12.86 -2.96
CA GLU A 6 -9.22 13.64 -1.76
C GLU A 6 -9.34 12.75 -0.53
N GLU A 7 -10.02 11.63 -0.69
CA GLU A 7 -10.16 10.65 0.40
C GLU A 7 -8.81 10.02 0.75
N ILE A 8 -8.04 9.69 -0.28
CA ILE A 8 -6.71 9.14 -0.09
C ILE A 8 -5.78 10.16 0.55
N GLU A 9 -5.86 11.40 0.09
CA GLU A 9 -5.11 12.49 0.70
C GLU A 9 -5.29 12.53 2.21
N ALA A 10 -6.55 12.60 2.64
CA ALA A 10 -6.87 12.63 4.06
C ALA A 10 -6.37 11.38 4.77
N ALA A 11 -6.50 10.24 4.11
CA ALA A 11 -6.03 8.97 4.67
C ALA A 11 -4.54 8.99 4.90
N LEU A 12 -3.79 9.56 3.96
CA LEU A 12 -2.34 9.63 4.05
C LEU A 12 -1.91 10.66 5.08
N LYS A 13 -2.73 11.68 5.27
CA LYS A 13 -2.52 12.67 6.33
C LYS A 13 -2.61 12.02 7.70
N GLU A 14 -3.53 11.06 7.84
CA GLU A 14 -3.63 10.27 9.06
C GLU A 14 -2.43 9.35 9.23
N ALA A 15 -1.97 8.80 8.11
CA ALA A 15 -0.76 7.97 8.12
C ALA A 15 0.47 8.79 8.49
N GLY A 16 0.48 10.05 8.08
CA GLY A 16 1.52 10.98 8.49
C GLY A 16 2.41 11.38 7.32
N PHE A 17 1.77 11.71 6.20
CA PHE A 17 2.50 12.15 5.01
C PHE A 17 2.19 13.60 4.68
N THR A 18 3.15 14.28 4.05
CA THR A 18 2.98 15.68 3.70
C THR A 18 2.26 15.83 2.37
N GLU A 19 1.89 17.06 2.03
CA GLU A 19 1.12 17.34 0.82
C GLU A 19 1.89 16.90 -0.43
N GLU A 20 3.19 17.13 -0.41
CA GLU A 20 4.04 16.77 -1.55
C GLU A 20 4.22 15.27 -1.65
N GLU A 21 4.36 14.62 -0.50
CA GLU A 21 4.45 13.16 -0.45
C GLU A 21 3.14 12.52 -0.92
N ILE A 22 2.02 13.10 -0.50
CA ILE A 22 0.71 12.64 -0.95
C ILE A 22 0.55 12.80 -2.45
N ARG A 23 0.97 13.95 -2.97
CA ARG A 23 0.91 14.21 -4.41
C ARG A 23 1.65 13.12 -5.19
N LYS A 24 2.83 12.75 -4.70
CA LYS A 24 3.61 11.69 -5.34
C LYS A 24 2.84 10.37 -5.35
N VAL A 25 2.26 10.01 -4.21
CA VAL A 25 1.52 8.76 -4.09
C VAL A 25 0.31 8.75 -5.01
N LEU A 26 -0.43 9.85 -5.03
CA LEU A 26 -1.62 9.97 -5.87
C LEU A 26 -1.25 9.83 -7.35
N ALA A 27 -0.14 10.44 -7.73
CA ALA A 27 0.35 10.34 -9.10
C ALA A 27 0.66 8.90 -9.47
N TRP A 28 1.23 8.15 -8.53
CA TRP A 28 1.53 6.74 -8.74
C TRP A 28 0.26 5.93 -9.01
N LEU A 29 -0.82 6.30 -8.30
CA LEU A 29 -2.10 5.63 -8.48
C LEU A 29 -2.79 6.07 -9.76
N GLU A 30 -2.49 7.29 -10.19
CA GLU A 30 -2.98 7.79 -11.48
C GLU A 30 -2.32 7.06 -12.63
N ARG A 31 -1.08 6.63 -12.43
CA ARG A 31 -0.36 5.85 -13.44
C ARG A 31 -0.96 4.47 -13.60
N VAL A 32 -1.62 3.98 -12.55
CA VAL A 32 -2.25 2.67 -12.58
C VAL A 32 -3.44 2.66 -13.53
N GLY A 33 -3.38 1.79 -14.53
CA GLY A 33 -4.47 1.66 -15.50
C GLY A 33 -5.44 0.57 -15.09
N GLY A 34 -5.08 -0.22 -14.09
CA GLY A 34 -5.93 -1.29 -13.59
C GLY A 34 -6.82 -0.79 -12.45
N GLU A 35 -7.35 -1.73 -11.67
CA GLU A 35 -8.23 -1.39 -10.56
C GLU A 35 -7.45 -1.08 -9.30
N ARG A 36 -8.03 -0.26 -8.43
CA ARG A 36 -7.37 0.16 -7.21
C ARG A 36 -8.29 0.00 -6.00
N LYS A 37 -7.79 -0.67 -4.97
CA LYS A 37 -8.53 -0.82 -3.73
C LYS A 37 -7.71 -0.34 -2.53
N VAL A 38 -8.22 0.67 -1.84
CA VAL A 38 -7.46 1.33 -0.78
C VAL A 38 -8.00 0.95 0.60
N LEU A 39 -7.11 0.43 1.44
CA LEU A 39 -7.48 0.03 2.79
C LEU A 39 -6.88 0.95 3.84
N LYS A 40 -7.72 1.48 4.72
CA LYS A 40 -7.25 2.30 5.83
C LYS A 40 -7.56 1.62 7.16
N VAL A 41 -6.53 1.09 7.80
CA VAL A 41 -6.70 0.38 9.06
C VAL A 41 -5.49 0.57 9.97
N ALA A 42 -5.74 0.85 11.24
CA ALA A 42 -4.67 1.06 12.20
C ALA A 42 -3.80 2.26 11.81
N GLY A 43 -4.37 3.15 11.02
CA GLY A 43 -3.65 4.34 10.56
C GLY A 43 -2.73 4.00 9.39
N LYS A 44 -2.82 2.77 8.91
CA LYS A 44 -1.92 2.29 7.87
C LYS A 44 -2.65 2.15 6.54
N ILE A 45 -2.00 2.58 5.47
CA ILE A 45 -2.64 2.67 4.16
C ILE A 45 -2.10 1.61 3.21
N LEU A 46 -3.01 0.83 2.63
CA LEU A 46 -2.63 -0.15 1.62
C LEU A 46 -3.39 0.09 0.31
N ILE A 47 -2.69 -0.07 -0.80
CA ILE A 47 -3.30 0.05 -2.12
C ILE A 47 -3.13 -1.23 -2.93
N ILE A 48 -4.23 -1.88 -3.25
CA ILE A 48 -4.20 -3.11 -4.04
C ILE A 48 -4.50 -2.82 -5.50
N VAL A 49 -3.54 -3.13 -6.37
CA VAL A 49 -3.72 -2.96 -7.81
C VAL A 49 -4.00 -4.28 -8.50
N GLU A 50 -5.14 -4.35 -9.18
CA GLU A 50 -5.55 -5.57 -9.86
C GLU A 50 -5.44 -5.42 -11.37
N LYS A 51 -4.58 -6.22 -11.99
CA LYS A 51 -4.33 -6.13 -13.42
C LYS A 51 -3.69 -7.40 -13.95
N ARG A 52 -3.79 -7.61 -15.26
CA ARG A 52 -3.27 -8.83 -15.89
C ARG A 52 -1.75 -8.79 -15.95
N ALA A 53 -1.18 -7.61 -15.79
CA ALA A 53 0.27 -7.42 -15.85
C ALA A 53 0.93 -7.85 -14.56
N GLY A 54 0.12 -8.14 -13.55
CA GLY A 54 0.63 -8.56 -12.24
C GLY A 54 0.16 -7.62 -11.14
N SER A 55 -0.42 -8.21 -10.09
CA SER A 55 -0.98 -7.42 -9.00
C SER A 55 0.10 -6.68 -8.22
N ARG A 56 -0.18 -5.44 -7.85
CA ARG A 56 0.77 -4.62 -7.13
C ARG A 56 0.21 -4.14 -5.81
N LEU A 57 1.02 -4.18 -4.75
CA LEU A 57 0.59 -3.78 -3.43
C LEU A 57 1.49 -2.68 -2.87
N LEU A 58 0.87 -1.61 -2.40
CA LEU A 58 1.60 -0.55 -1.71
C LEU A 58 1.22 -0.49 -0.23
N LEU A 59 2.21 -0.21 0.61
CA LEU A 59 1.97 -0.02 2.04
C LEU A 59 2.63 1.25 2.55
N LEU A 60 1.82 2.11 3.17
CA LEU A 60 2.31 3.41 3.63
C LEU A 60 1.94 3.64 5.09
N TYR A 61 2.89 4.17 5.86
CA TYR A 61 2.65 4.50 7.26
C TYR A 61 3.82 5.27 7.86
N ALA A 62 3.51 6.39 8.49
CA ALA A 62 4.51 7.11 9.29
C ALA A 62 5.68 7.56 8.44
N GLY A 63 5.41 7.89 7.18
CA GLY A 63 6.42 8.43 6.29
C GLY A 63 7.14 7.33 5.53
N ARG A 64 6.86 6.08 5.90
CA ARG A 64 7.48 4.93 5.25
C ARG A 64 6.59 4.38 4.14
N VAL A 65 7.22 3.93 3.06
CA VAL A 65 6.48 3.45 1.90
C VAL A 65 7.21 2.28 1.23
N ILE A 66 6.45 1.27 0.83
CA ILE A 66 7.00 0.16 0.05
C ILE A 66 6.05 -0.24 -1.07
N GLU A 67 6.61 -0.57 -2.23
CA GLU A 67 5.82 -0.92 -3.40
C GLU A 67 6.34 -2.20 -4.06
N LYS A 68 5.46 -3.18 -4.19
CA LYS A 68 5.85 -4.47 -4.76
C LYS A 68 4.84 -4.94 -5.80
N GLU A 69 5.31 -5.14 -7.03
CA GLU A 69 4.48 -5.69 -8.09
C GLU A 69 4.84 -7.12 -8.41
N GLY A 70 3.83 -7.95 -8.64
CA GLY A 70 4.04 -9.37 -8.88
C GLY A 70 3.71 -10.20 -7.63
N MET A 71 2.78 -9.70 -6.84
CA MET A 71 2.42 -10.35 -5.58
C MET A 71 1.08 -11.07 -5.70
N SER A 72 1.03 -12.28 -5.14
CA SER A 72 -0.20 -13.08 -5.17
C SER A 72 -1.22 -12.56 -4.19
N ARG A 73 -2.49 -12.88 -4.44
CA ARG A 73 -3.58 -12.41 -3.59
C ARG A 73 -3.46 -12.97 -2.18
N GLU A 74 -2.94 -14.18 -2.07
CA GLU A 74 -2.73 -14.81 -0.77
C GLU A 74 -1.70 -14.05 0.06
N GLU A 75 -0.64 -13.60 -0.60
CA GLU A 75 0.38 -12.79 0.05
C GLU A 75 -0.18 -11.44 0.48
N VAL A 76 -0.99 -10.85 -0.38
CA VAL A 76 -1.65 -9.57 -0.06
C VAL A 76 -2.56 -9.72 1.15
N GLU A 77 -3.34 -10.79 1.19
CA GLU A 77 -4.23 -11.05 2.31
C GLU A 77 -3.45 -11.28 3.60
N ALA A 78 -2.34 -12.00 3.49
CA ALA A 78 -1.49 -12.26 4.65
C ALA A 78 -0.95 -10.97 5.24
N ILE A 79 -0.52 -10.07 4.37
CA ILE A 79 0.01 -8.77 4.80
C ILE A 79 -1.08 -7.95 5.48
N LYS A 80 -2.26 -7.91 4.88
CA LYS A 80 -3.39 -7.18 5.44
C LYS A 80 -3.71 -7.67 6.84
N GLN A 81 -3.61 -8.99 7.05
CA GLN A 81 -3.79 -9.57 8.38
C GLN A 81 -2.72 -9.10 9.34
N LEU A 82 -1.47 -9.05 8.86
CA LEU A 82 -0.36 -8.56 9.66
C LEU A 82 -0.54 -7.09 10.00
N ILE A 83 -1.10 -6.33 9.08
CA ILE A 83 -1.36 -4.91 9.30
C ILE A 83 -2.43 -4.71 10.36
N SER A 84 -3.45 -5.55 10.32
CA SER A 84 -4.52 -5.50 11.33
C SER A 84 -3.99 -5.90 12.70
N ALA A 85 -2.96 -6.74 12.72
CA ALA A 85 -2.22 -7.03 13.95
C ALA A 85 -1.40 -5.83 14.40
N GLY A 86 -0.86 -5.10 13.44
CA GLY A 86 -0.15 -3.86 13.73
C GLY A 86 1.29 -3.91 13.22
N ALA A 87 1.49 -4.59 12.10
CA ALA A 87 2.81 -4.68 11.49
C ALA A 87 3.20 -3.36 10.81
N THR A 88 4.46 -2.99 10.97
CA THR A 88 4.97 -1.75 10.38
C THR A 88 5.48 -1.98 8.97
N VAL A 89 5.78 -0.90 8.26
CA VAL A 89 6.33 -0.97 6.91
C VAL A 89 7.68 -1.69 6.92
N GLU A 90 8.49 -1.41 7.93
CA GLU A 90 9.80 -2.05 8.07
C GLU A 90 9.66 -3.55 8.24
N GLU A 91 8.72 -3.96 9.08
CA GLU A 91 8.49 -5.38 9.34
C GLU A 91 7.99 -6.09 8.09
N ILE A 92 7.03 -5.48 7.42
CA ILE A 92 6.49 -6.05 6.19
C ILE A 92 7.54 -6.08 5.09
N GLU A 93 8.34 -5.03 5.02
CA GLU A 93 9.45 -4.97 4.07
C GLU A 93 10.39 -6.16 4.25
N ALA A 94 10.80 -6.40 5.49
CA ALA A 94 11.69 -7.51 5.80
C ALA A 94 11.08 -8.84 5.37
N ILE A 95 9.77 -9.00 5.64
CA ILE A 95 9.06 -10.21 5.26
C ILE A 95 9.07 -10.42 3.75
N ILE A 96 8.78 -9.36 3.01
CA ILE A 96 8.79 -9.41 1.56
C ILE A 96 10.17 -9.77 1.03
N LYS A 97 11.20 -9.19 1.61
CA LYS A 97 12.58 -9.47 1.24
C LYS A 97 12.93 -10.92 1.49
N ARG A 98 12.42 -11.47 2.60
CA ARG A 98 12.62 -12.87 2.93
C ARG A 98 11.91 -13.78 1.92
N ILE A 99 10.73 -13.36 1.48
CA ILE A 99 10.00 -14.06 0.43
C ILE A 99 10.79 -14.06 -0.87
N GLU A 100 11.37 -12.91 -1.21
CA GLU A 100 12.20 -12.79 -2.40
C GLU A 100 13.45 -13.67 -2.30
N ALA A 101 14.02 -13.72 -1.11
CA ALA A 101 15.19 -14.56 -0.86
C ALA A 101 14.85 -16.04 -1.00
N ARG A 102 13.66 -16.41 -0.52
CA ARG A 102 13.21 -17.79 -0.60
C ARG A 102 13.05 -18.25 -2.05
N GLY A 1 -12.83 3.01 -7.05
CA GLY A 1 -11.83 3.16 -6.00
C GLY A 1 -12.46 3.14 -4.62
N LEU A 2 -11.77 2.51 -3.67
CA LEU A 2 -12.29 2.36 -2.32
C LEU A 2 -12.26 3.70 -1.58
N LEU A 3 -11.10 4.35 -1.59
CA LEU A 3 -10.98 5.68 -1.00
C LEU A 3 -10.78 6.74 -2.08
N THR A 4 -11.29 7.94 -1.82
CA THR A 4 -11.05 9.07 -2.71
C THR A 4 -9.71 9.74 -2.43
N ARG A 5 -9.31 10.65 -3.31
CA ARG A 5 -8.03 11.31 -3.18
C ARG A 5 -7.94 12.14 -1.89
N GLU A 6 -9.08 12.71 -1.51
CA GLU A 6 -9.15 13.49 -0.27
C GLU A 6 -9.06 12.58 0.95
N GLU A 7 -9.72 11.43 0.88
CA GLU A 7 -9.67 10.44 1.95
C GLU A 7 -8.26 9.84 2.06
N ILE A 8 -7.63 9.62 0.92
CA ILE A 8 -6.24 9.16 0.91
C ILE A 8 -5.30 10.19 1.52
N GLU A 9 -5.48 11.45 1.14
CA GLU A 9 -4.69 12.53 1.70
C GLU A 9 -4.73 12.51 3.23
N ALA A 10 -5.93 12.49 3.79
CA ALA A 10 -6.11 12.48 5.23
C ALA A 10 -5.46 11.25 5.86
N ALA A 11 -5.66 10.10 5.22
CA ALA A 11 -5.10 8.84 5.72
C ALA A 11 -3.58 8.90 5.77
N LEU A 12 -2.98 9.45 4.73
CA LEU A 12 -1.53 9.50 4.62
C LEU A 12 -0.93 10.52 5.58
N LYS A 13 -1.67 11.61 5.82
CA LYS A 13 -1.28 12.60 6.81
C LYS A 13 -1.23 11.99 8.21
N GLU A 14 -2.15 11.07 8.47
CA GLU A 14 -2.13 10.31 9.71
C GLU A 14 -0.96 9.35 9.75
N ALA A 15 -0.65 8.74 8.62
CA ALA A 15 0.47 7.81 8.51
C ALA A 15 1.79 8.54 8.72
N GLY A 16 1.85 9.80 8.28
CA GLY A 16 3.02 10.63 8.50
C GLY A 16 3.62 11.12 7.19
N PHE A 17 2.76 11.38 6.22
CA PHE A 17 3.18 11.91 4.93
C PHE A 17 2.85 13.39 4.79
N THR A 18 3.68 14.12 4.06
CA THR A 18 3.38 15.50 3.71
C THR A 18 2.51 15.57 2.46
N GLU A 19 1.92 16.73 2.22
CA GLU A 19 1.01 16.92 1.09
C GLU A 19 1.73 16.69 -0.23
N GLU A 20 3.01 17.05 -0.28
CA GLU A 20 3.82 16.82 -1.47
C GLU A 20 4.08 15.34 -1.70
N GLU A 21 4.36 14.62 -0.62
CA GLU A 21 4.58 13.18 -0.69
C GLU A 21 3.29 12.45 -1.02
N ILE A 22 2.17 12.99 -0.53
CA ILE A 22 0.86 12.46 -0.88
C ILE A 22 0.56 12.62 -2.37
N ARG A 23 0.89 13.79 -2.90
CA ARG A 23 0.73 14.05 -4.32
C ARG A 23 1.59 13.10 -5.15
N LYS A 24 2.77 12.78 -4.64
CA LYS A 24 3.64 11.80 -5.28
C LYS A 24 2.97 10.44 -5.36
N VAL A 25 2.44 9.98 -4.23
CA VAL A 25 1.76 8.70 -4.15
C VAL A 25 0.57 8.64 -5.11
N LEU A 26 -0.25 9.69 -5.07
CA LEU A 26 -1.43 9.75 -5.92
C LEU A 26 -1.05 9.76 -7.39
N ALA A 27 0.03 10.46 -7.72
CA ALA A 27 0.56 10.47 -9.08
C ALA A 27 1.02 9.09 -9.51
N TRP A 28 1.66 8.38 -8.58
CA TRP A 28 2.13 7.02 -8.86
C TRP A 28 0.98 6.06 -9.06
N LEU A 29 -0.10 6.27 -8.31
CA LEU A 29 -1.30 5.45 -8.45
C LEU A 29 -1.96 5.67 -9.80
N GLU A 30 -1.98 6.91 -10.26
CA GLU A 30 -2.49 7.24 -11.59
C GLU A 30 -1.53 6.78 -12.67
N ARG A 31 -0.23 6.85 -12.37
CA ARG A 31 0.79 6.38 -13.30
C ARG A 31 0.52 4.95 -13.73
N VAL A 32 0.24 4.08 -12.76
CA VAL A 32 -0.07 2.69 -13.04
C VAL A 32 -1.46 2.55 -13.63
N GLY A 33 -2.44 3.19 -12.99
CA GLY A 33 -3.82 3.14 -13.47
C GLY A 33 -4.59 1.99 -12.84
N GLY A 34 -5.84 1.83 -13.24
CA GLY A 34 -6.68 0.76 -12.72
C GLY A 34 -7.38 1.20 -11.43
N GLU A 35 -8.19 0.30 -10.87
CA GLU A 35 -8.87 0.56 -9.61
C GLU A 35 -7.94 0.31 -8.42
N ARG A 36 -8.10 1.11 -7.37
CA ARG A 36 -7.24 1.01 -6.20
C ARG A 36 -8.07 0.85 -4.92
N LYS A 37 -7.56 0.06 -3.99
CA LYS A 37 -8.18 -0.08 -2.68
C LYS A 37 -7.20 0.27 -1.57
N VAL A 38 -7.62 1.12 -0.65
CA VAL A 38 -6.76 1.62 0.41
C VAL A 38 -7.20 1.12 1.77
N LEU A 39 -6.38 0.30 2.40
CA LEU A 39 -6.66 -0.20 3.74
C LEU A 39 -5.82 0.53 4.79
N LYS A 40 -6.45 0.87 5.91
CA LYS A 40 -5.78 1.59 6.98
C LYS A 40 -6.04 0.95 8.34
N VAL A 41 -5.00 0.31 8.89
CA VAL A 41 -5.12 -0.34 10.19
C VAL A 41 -3.92 -0.02 11.06
N ALA A 42 -4.19 0.55 12.24
CA ALA A 42 -3.15 0.74 13.25
C ALA A 42 -2.04 1.65 12.74
N GLY A 43 -2.39 2.58 11.87
CA GLY A 43 -1.45 3.59 11.40
C GLY A 43 -0.78 3.17 10.11
N LYS A 44 -0.87 1.89 9.79
CA LYS A 44 -0.23 1.35 8.60
C LYS A 44 -1.23 1.21 7.45
N ILE A 45 -0.81 1.62 6.26
CA ILE A 45 -1.72 1.67 5.11
C ILE A 45 -1.25 0.73 4.01
N LEU A 46 -2.17 -0.11 3.54
CA LEU A 46 -1.90 -0.99 2.40
C LEU A 46 -2.76 -0.61 1.20
N ILE A 47 -2.10 -0.20 0.12
CA ILE A 47 -2.81 0.18 -1.10
C ILE A 47 -2.68 -0.90 -2.16
N ILE A 48 -3.82 -1.38 -2.66
CA ILE A 48 -3.83 -2.41 -3.68
C ILE A 48 -4.15 -1.84 -5.05
N VAL A 49 -3.21 -1.98 -5.98
CA VAL A 49 -3.32 -1.35 -7.29
C VAL A 49 -3.60 -2.38 -8.37
N GLU A 50 -4.73 -2.25 -9.04
CA GLU A 50 -5.10 -3.16 -10.11
C GLU A 50 -4.10 -3.10 -11.26
N LYS A 51 -3.71 -4.28 -11.76
CA LYS A 51 -2.84 -4.36 -12.92
C LYS A 51 -2.78 -5.78 -13.47
N ARG A 52 -3.11 -5.94 -14.74
CA ARG A 52 -3.21 -7.25 -15.36
C ARG A 52 -1.85 -7.93 -15.43
N ALA A 53 -0.80 -7.12 -15.53
CA ALA A 53 0.56 -7.65 -15.65
C ALA A 53 1.18 -7.90 -14.28
N GLY A 54 0.37 -7.72 -13.24
CA GLY A 54 0.83 -7.97 -11.87
C GLY A 54 0.46 -6.81 -10.95
N SER A 55 -0.46 -7.08 -10.02
CA SER A 55 -0.95 -6.05 -9.12
C SER A 55 0.15 -5.52 -8.23
N ARG A 56 0.12 -4.22 -7.96
CA ARG A 56 1.15 -3.58 -7.13
C ARG A 56 0.62 -3.25 -5.75
N LEU A 57 1.49 -3.35 -4.74
CA LEU A 57 1.12 -3.00 -3.38
C LEU A 57 2.01 -1.89 -2.84
N LEU A 58 1.42 -0.98 -2.07
CA LEU A 58 2.17 0.05 -1.38
C LEU A 58 2.06 -0.09 0.13
N LEU A 59 3.20 -0.12 0.81
CA LEU A 59 3.22 -0.17 2.27
C LEU A 59 3.60 1.18 2.86
N LEU A 60 2.61 1.94 3.30
CA LEU A 60 2.82 3.31 3.73
C LEU A 60 2.84 3.41 5.25
N TYR A 61 3.86 4.06 5.79
CA TYR A 61 3.97 4.27 7.23
C TYR A 61 5.10 5.23 7.56
N ALA A 62 4.81 6.25 8.35
CA ALA A 62 5.82 7.14 8.89
C ALA A 62 6.56 7.88 7.77
N GLY A 63 5.84 8.16 6.69
CA GLY A 63 6.38 8.96 5.59
C GLY A 63 7.21 8.09 4.65
N ARG A 64 7.18 6.78 4.87
CA ARG A 64 7.92 5.84 4.03
C ARG A 64 6.98 4.89 3.32
N VAL A 65 7.35 4.50 2.10
CA VAL A 65 6.51 3.65 1.27
C VAL A 65 7.32 2.56 0.58
N ILE A 66 6.84 1.33 0.66
CA ILE A 66 7.44 0.23 -0.08
C ILE A 66 6.53 -0.24 -1.21
N GLU A 67 7.08 -0.26 -2.42
CA GLU A 67 6.30 -0.61 -3.61
C GLU A 67 6.67 -2.00 -4.12
N LYS A 68 5.66 -2.86 -4.27
CA LYS A 68 5.88 -4.18 -4.86
C LYS A 68 5.00 -4.39 -6.09
N GLU A 69 5.35 -5.40 -6.89
CA GLU A 69 4.62 -5.68 -8.11
C GLU A 69 4.50 -7.18 -8.36
N GLY A 70 3.32 -7.62 -8.79
CA GLY A 70 3.08 -9.03 -9.05
C GLY A 70 2.61 -9.75 -7.79
N MET A 71 1.85 -9.04 -6.96
CA MET A 71 1.45 -9.55 -5.66
C MET A 71 0.07 -10.21 -5.73
N SER A 72 -0.07 -11.34 -5.03
CA SER A 72 -1.32 -12.09 -5.03
C SER A 72 -2.26 -11.61 -3.94
N ARG A 73 -3.53 -11.99 -4.04
CA ARG A 73 -4.52 -11.64 -3.03
C ARG A 73 -4.20 -12.31 -1.70
N GLU A 74 -3.57 -13.48 -1.76
CA GLU A 74 -3.11 -14.18 -0.56
C GLU A 74 -2.02 -13.39 0.15
N GLU A 75 -1.12 -12.78 -0.63
CA GLU A 75 -0.08 -11.93 -0.07
C GLU A 75 -0.66 -10.64 0.48
N VAL A 76 -1.69 -10.12 -0.19
CA VAL A 76 -2.44 -8.98 0.34
C VAL A 76 -3.06 -9.31 1.69
N GLU A 77 -3.64 -10.50 1.80
CA GLU A 77 -4.24 -10.95 3.05
C GLU A 77 -3.18 -11.12 4.14
N ALA A 78 -2.05 -11.71 3.76
CA ALA A 78 -0.94 -11.90 4.69
C ALA A 78 -0.47 -10.57 5.28
N ILE A 79 -0.25 -9.59 4.40
CA ILE A 79 0.19 -8.26 4.83
C ILE A 79 -0.84 -7.61 5.73
N LYS A 80 -2.11 -7.68 5.32
CA LYS A 80 -3.20 -7.11 6.11
C LYS A 80 -3.20 -7.68 7.53
N GLN A 81 -3.02 -8.98 7.63
CA GLN A 81 -2.98 -9.64 8.94
C GLN A 81 -1.76 -9.22 9.74
N LEU A 82 -0.62 -9.11 9.06
CA LEU A 82 0.61 -8.64 9.69
C LEU A 82 0.45 -7.24 10.25
N ILE A 83 -0.25 -6.38 9.50
CA ILE A 83 -0.54 -5.04 9.97
C ILE A 83 -1.39 -5.06 11.23
N SER A 84 -2.42 -5.88 11.23
CA SER A 84 -3.30 -6.01 12.39
C SER A 84 -2.57 -6.69 13.54
N ALA A 85 -1.51 -7.41 13.23
CA ALA A 85 -0.69 -8.05 14.25
C ALA A 85 0.23 -7.04 14.93
N GLY A 86 0.35 -5.86 14.33
CA GLY A 86 1.15 -4.78 14.91
C GLY A 86 2.56 -4.77 14.32
N ALA A 87 2.72 -5.42 13.18
CA ALA A 87 4.01 -5.45 12.49
C ALA A 87 4.29 -4.12 11.80
N THR A 88 5.55 -3.71 11.79
CA THR A 88 5.96 -2.46 11.18
C THR A 88 6.18 -2.61 9.68
N VAL A 89 6.32 -1.49 8.99
CA VAL A 89 6.52 -1.50 7.54
C VAL A 89 7.83 -2.20 7.17
N GLU A 90 8.80 -2.16 8.09
CA GLU A 90 10.08 -2.82 7.87
C GLU A 90 9.97 -4.32 8.13
N GLU A 91 9.25 -4.69 9.18
CA GLU A 91 9.02 -6.09 9.50
C GLU A 91 8.22 -6.79 8.40
N ILE A 92 7.16 -6.13 7.95
CA ILE A 92 6.34 -6.66 6.86
C ILE A 92 7.15 -6.79 5.58
N GLU A 93 7.92 -5.75 5.25
CA GLU A 93 8.79 -5.77 4.08
C GLU A 93 9.71 -6.98 4.12
N ALA A 94 10.35 -7.20 5.26
CA ALA A 94 11.29 -8.31 5.42
C ALA A 94 10.59 -9.65 5.21
N ILE A 95 9.38 -9.76 5.73
CA ILE A 95 8.62 -11.00 5.64
C ILE A 95 8.28 -11.33 4.18
N ILE A 96 7.72 -10.34 3.49
CA ILE A 96 7.30 -10.54 2.10
C ILE A 96 8.51 -10.60 1.17
N LYS A 97 9.62 -10.02 1.61
CA LYS A 97 10.89 -10.17 0.91
C LYS A 97 11.35 -11.63 0.92
N ARG A 98 11.25 -12.27 2.08
CA ARG A 98 11.61 -13.68 2.21
C ARG A 98 10.66 -14.56 1.41
N ILE A 99 9.39 -14.18 1.37
CA ILE A 99 8.41 -14.89 0.55
C ILE A 99 8.76 -14.81 -0.92
N GLU A 100 9.13 -13.61 -1.38
CA GLU A 100 9.56 -13.41 -2.76
C GLU A 100 10.85 -14.14 -3.05
N ALA A 101 11.76 -14.16 -2.07
CA ALA A 101 13.02 -14.85 -2.21
C ALA A 101 12.82 -16.35 -2.35
N ARG A 102 11.87 -16.89 -1.59
CA ARG A 102 11.56 -18.31 -1.63
C ARG A 102 11.18 -18.76 -3.03
N GLY A 1 -13.56 0.21 -2.43
CA GLY A 1 -12.28 0.55 -3.02
C GLY A 1 -12.01 2.05 -2.91
N LEU A 2 -11.08 2.55 -3.71
CA LEU A 2 -10.74 3.96 -3.71
C LEU A 2 -11.67 4.76 -4.63
N LEU A 3 -12.43 5.67 -4.05
CA LEU A 3 -13.43 6.42 -4.80
C LEU A 3 -12.79 7.55 -5.59
N THR A 4 -11.84 8.24 -4.96
CA THR A 4 -11.17 9.37 -5.59
C THR A 4 -9.83 9.67 -4.93
N ARG A 5 -9.00 10.45 -5.61
CA ARG A 5 -7.66 10.75 -5.13
C ARG A 5 -7.70 11.56 -3.83
N GLU A 6 -8.79 12.30 -3.65
CA GLU A 6 -8.98 13.08 -2.42
C GLU A 6 -9.14 12.16 -1.21
N GLU A 7 -9.66 10.96 -1.44
CA GLU A 7 -9.85 9.98 -0.37
C GLU A 7 -8.51 9.45 0.12
N ILE A 8 -7.68 8.97 -0.81
CA ILE A 8 -6.37 8.47 -0.47
C ILE A 8 -5.44 9.58 0.00
N GLU A 9 -5.71 10.80 -0.49
CA GLU A 9 -5.01 11.99 0.00
C GLU A 9 -5.18 12.15 1.50
N ALA A 10 -6.42 12.09 1.97
CA ALA A 10 -6.72 12.16 3.39
C ALA A 10 -6.07 11.02 4.15
N ALA A 11 -6.12 9.82 3.57
CA ALA A 11 -5.49 8.66 4.16
C ALA A 11 -3.97 8.84 4.28
N LEU A 12 -3.39 9.46 3.26
CA LEU A 12 -1.95 9.75 3.27
C LEU A 12 -1.61 10.78 4.33
N LYS A 13 -2.49 11.75 4.52
CA LYS A 13 -2.33 12.76 5.57
C LYS A 13 -2.40 12.12 6.95
N GLU A 14 -3.28 11.13 7.10
CA GLU A 14 -3.38 10.38 8.34
C GLU A 14 -2.17 9.46 8.52
N ALA A 15 -1.69 8.91 7.42
CA ALA A 15 -0.51 8.04 7.44
C ALA A 15 0.72 8.80 7.91
N GLY A 16 0.89 10.02 7.41
CA GLY A 16 1.97 10.88 7.84
C GLY A 16 2.85 11.29 6.66
N PHE A 17 2.23 11.54 5.52
CA PHE A 17 2.94 11.99 4.34
C PHE A 17 2.73 13.48 4.10
N THR A 18 3.73 14.12 3.50
CA THR A 18 3.63 15.54 3.16
C THR A 18 2.92 15.73 1.82
N GLU A 19 2.59 16.98 1.51
CA GLU A 19 1.90 17.30 0.26
C GLU A 19 2.66 16.75 -0.95
N GLU A 20 3.98 16.90 -0.93
CA GLU A 20 4.82 16.45 -2.03
C GLU A 20 4.84 14.93 -2.12
N GLU A 21 4.88 14.27 -0.97
CA GLU A 21 4.83 12.82 -0.91
C GLU A 21 3.48 12.29 -1.35
N ILE A 22 2.42 13.04 -1.05
CA ILE A 22 1.09 12.73 -1.55
C ILE A 22 1.04 12.81 -3.07
N ARG A 23 1.64 13.86 -3.62
CA ARG A 23 1.73 14.00 -5.07
C ARG A 23 2.38 12.80 -5.70
N LYS A 24 3.42 12.28 -5.06
CA LYS A 24 4.12 11.09 -5.55
C LYS A 24 3.18 9.89 -5.61
N VAL A 25 2.50 9.63 -4.51
CA VAL A 25 1.62 8.46 -4.41
C VAL A 25 0.48 8.55 -5.40
N LEU A 26 -0.15 9.72 -5.48
CA LEU A 26 -1.25 9.95 -6.41
C LEU A 26 -0.80 9.76 -7.85
N ALA A 27 0.42 10.23 -8.14
CA ALA A 27 1.01 10.03 -9.46
C ALA A 27 1.22 8.55 -9.75
N TRP A 28 1.68 7.81 -8.74
CA TRP A 28 1.91 6.38 -8.88
C TRP A 28 0.60 5.65 -9.15
N LEU A 29 -0.47 6.07 -8.48
CA LEU A 29 -1.77 5.46 -8.65
C LEU A 29 -2.29 5.65 -10.07
N GLU A 30 -2.10 6.85 -10.61
CA GLU A 30 -2.50 7.14 -11.99
C GLU A 30 -1.56 6.48 -12.98
N ARG A 31 -0.29 6.37 -12.62
CA ARG A 31 0.70 5.73 -13.47
C ARG A 31 0.31 4.29 -13.78
N VAL A 32 0.01 3.53 -12.74
CA VAL A 32 -0.30 2.12 -12.89
C VAL A 32 -1.74 1.91 -13.34
N GLY A 33 -2.61 2.86 -12.98
CA GLY A 33 -4.02 2.78 -13.32
C GLY A 33 -4.67 1.55 -12.69
N GLY A 34 -5.41 0.80 -13.50
CA GLY A 34 -6.07 -0.42 -13.02
C GLY A 34 -7.20 -0.09 -12.06
N GLU A 35 -7.51 -1.03 -11.17
CA GLU A 35 -8.51 -0.82 -10.14
C GLU A 35 -7.87 -0.49 -8.80
N ARG A 36 -8.08 0.75 -8.34
CA ARG A 36 -7.42 1.23 -7.13
C ARG A 36 -8.30 0.97 -5.90
N LYS A 37 -7.74 0.28 -4.91
CA LYS A 37 -8.44 0.02 -3.66
C LYS A 37 -7.66 0.55 -2.47
N VAL A 38 -8.37 0.84 -1.38
CA VAL A 38 -7.74 1.34 -0.16
C VAL A 38 -8.47 0.84 1.08
N LEU A 39 -7.71 0.40 2.06
CA LEU A 39 -8.28 -0.15 3.29
C LEU A 39 -7.45 0.24 4.51
N LYS A 40 -8.11 0.76 5.53
CA LYS A 40 -7.51 0.91 6.85
C LYS A 40 -7.70 -0.35 7.68
N VAL A 41 -6.59 -1.00 8.04
CA VAL A 41 -6.65 -2.30 8.71
C VAL A 41 -6.58 -2.15 10.22
N ALA A 42 -5.43 -1.72 10.71
CA ALA A 42 -5.23 -1.51 12.15
C ALA A 42 -4.82 -0.07 12.44
N GLY A 43 -5.28 0.86 11.61
CA GLY A 43 -4.85 2.25 11.69
C GLY A 43 -3.89 2.59 10.57
N LYS A 44 -3.28 1.57 9.98
CA LYS A 44 -2.40 1.75 8.84
C LYS A 44 -3.14 1.57 7.53
N ILE A 45 -2.72 2.29 6.49
CA ILE A 45 -3.42 2.28 5.21
C ILE A 45 -2.70 1.42 4.20
N LEU A 46 -3.44 0.50 3.58
CA LEU A 46 -2.89 -0.34 2.52
C LEU A 46 -3.53 -0.04 1.17
N ILE A 47 -2.71 0.28 0.19
CA ILE A 47 -3.17 0.48 -1.17
C ILE A 47 -3.08 -0.81 -1.97
N ILE A 48 -4.21 -1.20 -2.58
CA ILE A 48 -4.24 -2.40 -3.41
C ILE A 48 -4.72 -2.08 -4.82
N VAL A 49 -3.82 -2.18 -5.79
CA VAL A 49 -4.17 -1.96 -7.19
C VAL A 49 -4.21 -3.28 -7.94
N GLU A 50 -5.39 -3.62 -8.46
CA GLU A 50 -5.57 -4.86 -9.21
C GLU A 50 -5.49 -4.61 -10.71
N LYS A 51 -4.73 -5.44 -11.40
CA LYS A 51 -4.48 -5.26 -12.83
C LYS A 51 -3.90 -6.51 -13.46
N ARG A 52 -4.34 -6.80 -14.68
CA ARG A 52 -3.89 -8.00 -15.38
C ARG A 52 -2.42 -7.91 -15.75
N ALA A 53 -1.91 -6.69 -15.80
CA ALA A 53 -0.49 -6.47 -16.11
C ALA A 53 0.35 -6.47 -14.86
N GLY A 54 -0.25 -6.87 -13.74
CA GLY A 54 0.48 -7.01 -12.48
C GLY A 54 -0.12 -6.12 -11.40
N SER A 55 -0.36 -6.71 -10.23
CA SER A 55 -0.89 -5.95 -9.10
C SER A 55 0.17 -5.01 -8.53
N ARG A 56 -0.29 -3.93 -7.91
CA ARG A 56 0.62 -2.97 -7.29
C ARG A 56 0.11 -2.53 -5.92
N LEU A 57 0.97 -2.64 -4.92
CA LEU A 57 0.59 -2.33 -3.55
C LEU A 57 1.55 -1.32 -2.92
N LEU A 58 1.03 -0.47 -2.05
CA LEU A 58 1.85 0.48 -1.31
C LEU A 58 1.60 0.38 0.19
N LEU A 59 2.68 0.32 0.96
CA LEU A 59 2.59 0.36 2.41
C LEU A 59 2.75 1.78 2.93
N LEU A 60 1.66 2.35 3.44
CA LEU A 60 1.64 3.76 3.82
C LEU A 60 1.91 3.94 5.30
N TYR A 61 3.11 4.43 5.62
CA TYR A 61 3.46 4.75 7.00
C TYR A 61 3.87 6.21 7.13
N ALA A 62 4.27 6.60 8.33
CA ALA A 62 4.57 8.00 8.63
C ALA A 62 5.92 8.41 8.08
N GLY A 63 5.98 8.60 6.76
CA GLY A 63 7.20 9.03 6.11
C GLY A 63 7.65 8.02 5.06
N ARG A 64 7.72 6.75 5.46
CA ARG A 64 8.22 5.70 4.59
C ARG A 64 7.10 5.06 3.80
N VAL A 65 7.41 4.59 2.59
CA VAL A 65 6.45 3.86 1.78
C VAL A 65 7.13 2.73 0.99
N ILE A 66 6.51 1.56 1.00
CA ILE A 66 7.06 0.40 0.30
C ILE A 66 6.30 0.12 -0.99
N GLU A 67 7.03 0.08 -2.10
CA GLU A 67 6.41 -0.17 -3.40
C GLU A 67 6.69 -1.59 -3.88
N LYS A 68 5.62 -2.36 -4.04
CA LYS A 68 5.74 -3.72 -4.57
C LYS A 68 4.78 -3.95 -5.73
N GLU A 69 5.13 -4.87 -6.61
CA GLU A 69 4.31 -5.18 -7.77
C GLU A 69 4.42 -6.66 -8.14
N GLY A 70 3.38 -7.18 -8.80
CA GLY A 70 3.32 -8.58 -9.16
C GLY A 70 3.02 -9.46 -7.96
N MET A 71 2.09 -9.02 -7.12
CA MET A 71 1.84 -9.67 -5.84
C MET A 71 0.54 -10.47 -5.87
N SER A 72 0.59 -11.68 -5.32
CA SER A 72 -0.58 -12.54 -5.29
C SER A 72 -1.54 -12.13 -4.18
N ARG A 73 -2.79 -12.56 -4.31
CA ARG A 73 -3.83 -12.17 -3.35
C ARG A 73 -3.54 -12.73 -1.97
N GLU A 74 -2.89 -13.89 -1.93
CA GLU A 74 -2.48 -14.50 -0.67
C GLU A 74 -1.44 -13.65 0.04
N GLU A 75 -0.51 -13.09 -0.72
CA GLU A 75 0.48 -12.17 -0.16
C GLU A 75 -0.17 -10.88 0.32
N VAL A 76 -1.18 -10.41 -0.42
CA VAL A 76 -1.94 -9.24 -0.03
C VAL A 76 -2.62 -9.45 1.31
N GLU A 77 -3.24 -10.62 1.48
CA GLU A 77 -3.88 -10.96 2.74
C GLU A 77 -2.87 -11.06 3.87
N ALA A 78 -1.70 -11.60 3.56
CA ALA A 78 -0.63 -11.73 4.54
C ALA A 78 -0.23 -10.37 5.09
N ILE A 79 -0.13 -9.39 4.21
CA ILE A 79 0.21 -8.03 4.61
C ILE A 79 -0.80 -7.47 5.59
N LYS A 80 -2.08 -7.61 5.26
CA LYS A 80 -3.15 -7.13 6.12
C LYS A 80 -3.11 -7.81 7.49
N GLN A 81 -2.78 -9.09 7.50
CA GLN A 81 -2.63 -9.84 8.74
C GLN A 81 -1.47 -9.30 9.57
N LEU A 82 -0.36 -9.02 8.90
CA LEU A 82 0.82 -8.49 9.56
C LEU A 82 0.54 -7.12 10.17
N ILE A 83 -0.23 -6.30 9.45
CA ILE A 83 -0.64 -5.00 9.95
C ILE A 83 -1.49 -5.12 11.20
N SER A 84 -2.45 -6.04 11.17
CA SER A 84 -3.30 -6.29 12.33
C SER A 84 -2.51 -6.92 13.47
N ALA A 85 -1.38 -7.54 13.13
CA ALA A 85 -0.50 -8.12 14.13
C ALA A 85 0.36 -7.03 14.79
N GLY A 86 0.36 -5.84 14.20
CA GLY A 86 1.11 -4.72 14.74
C GLY A 86 2.55 -4.73 14.23
N ALA A 87 2.75 -5.34 13.08
CA ALA A 87 4.08 -5.40 12.46
C ALA A 87 4.47 -4.06 11.87
N THR A 88 5.76 -3.74 11.92
CA THR A 88 6.27 -2.48 11.41
C THR A 88 6.52 -2.55 9.91
N VAL A 89 6.79 -1.39 9.30
CA VAL A 89 7.08 -1.33 7.87
C VAL A 89 8.35 -2.08 7.54
N GLU A 90 9.27 -2.13 8.49
CA GLU A 90 10.52 -2.87 8.32
C GLU A 90 10.30 -4.37 8.42
N GLU A 91 9.49 -4.78 9.38
CA GLU A 91 9.18 -6.19 9.59
C GLU A 91 8.42 -6.77 8.41
N ILE A 92 7.40 -6.05 7.96
CA ILE A 92 6.60 -6.47 6.82
C ILE A 92 7.42 -6.55 5.54
N GLU A 93 8.22 -5.50 5.31
CA GLU A 93 9.13 -5.48 4.17
C GLU A 93 10.04 -6.69 4.16
N ALA A 94 10.67 -6.96 5.30
CA ALA A 94 11.59 -8.09 5.41
C ALA A 94 10.88 -9.41 5.12
N ILE A 95 9.67 -9.56 5.65
CA ILE A 95 8.89 -10.77 5.43
C ILE A 95 8.57 -10.95 3.95
N ILE A 96 8.19 -9.87 3.30
CA ILE A 96 7.93 -9.89 1.86
C ILE A 96 9.17 -10.31 1.08
N LYS A 97 10.32 -9.78 1.48
CA LYS A 97 11.58 -10.12 0.85
C LYS A 97 11.91 -11.60 1.04
N ARG A 98 11.58 -12.13 2.22
CA ARG A 98 11.74 -13.56 2.49
C ARG A 98 10.82 -14.40 1.60
N ILE A 99 9.61 -13.91 1.39
CA ILE A 99 8.68 -14.55 0.47
C ILE A 99 9.21 -14.52 -0.96
N GLU A 100 9.79 -13.38 -1.35
CA GLU A 100 10.40 -13.25 -2.66
C GLU A 100 11.55 -14.24 -2.84
N ALA A 101 12.34 -14.40 -1.78
CA ALA A 101 13.48 -15.32 -1.81
C ALA A 101 13.00 -16.77 -1.93
N ARG A 102 12.03 -17.14 -1.11
CA ARG A 102 11.52 -18.50 -1.09
C ARG A 102 10.00 -18.52 -0.94
N GLY A 1 -14.93 -2.44 -2.82
CA GLY A 1 -15.04 -1.53 -3.96
C GLY A 1 -13.76 -0.72 -4.14
N LEU A 2 -13.78 0.19 -5.10
CA LEU A 2 -12.63 1.04 -5.37
C LEU A 2 -12.80 2.43 -4.76
N LEU A 3 -11.69 3.10 -4.51
CA LEU A 3 -11.72 4.41 -3.85
C LEU A 3 -11.02 5.46 -4.69
N THR A 4 -11.42 6.72 -4.51
CA THR A 4 -10.94 7.81 -5.37
C THR A 4 -9.61 8.35 -4.86
N ARG A 5 -8.98 9.19 -5.68
CA ARG A 5 -7.71 9.80 -5.31
C ARG A 5 -7.86 10.70 -4.08
N GLU A 6 -9.00 11.35 -3.98
CA GLU A 6 -9.27 12.22 -2.83
C GLU A 6 -9.43 11.43 -1.55
N GLU A 7 -10.07 10.27 -1.66
CA GLU A 7 -10.23 9.36 -0.52
C GLU A 7 -8.88 8.77 -0.11
N ILE A 8 -8.04 8.46 -1.10
CA ILE A 8 -6.68 8.03 -0.83
C ILE A 8 -5.87 9.14 -0.16
N GLU A 9 -6.05 10.37 -0.65
CA GLU A 9 -5.38 11.53 -0.07
C GLU A 9 -5.69 11.64 1.41
N ALA A 10 -6.96 11.57 1.76
CA ALA A 10 -7.40 11.66 3.15
C ALA A 10 -6.75 10.56 4.00
N ALA A 11 -6.72 9.36 3.46
CA ALA A 11 -6.13 8.22 4.15
C ALA A 11 -4.65 8.45 4.44
N LEU A 12 -3.93 8.93 3.43
CA LEU A 12 -2.49 9.12 3.53
C LEU A 12 -2.16 10.32 4.40
N LYS A 13 -3.05 11.31 4.39
CA LYS A 13 -2.90 12.47 5.26
C LYS A 13 -3.01 12.09 6.73
N GLU A 14 -3.89 11.13 7.01
CA GLU A 14 -3.98 10.54 8.35
C GLU A 14 -2.73 9.74 8.69
N ALA A 15 -2.19 9.05 7.68
CA ALA A 15 -0.95 8.30 7.85
C ALA A 15 0.21 9.22 8.24
N GLY A 16 0.17 10.45 7.73
CA GLY A 16 1.12 11.47 8.14
C GLY A 16 1.91 12.00 6.94
N PHE A 17 1.25 12.08 5.79
CA PHE A 17 1.88 12.58 4.57
C PHE A 17 1.25 13.90 4.13
N THR A 18 2.06 14.76 3.54
CA THR A 18 1.58 16.04 3.03
C THR A 18 0.93 15.88 1.66
N GLU A 19 0.14 16.88 1.26
CA GLU A 19 -0.55 16.83 -0.02
C GLU A 19 0.42 16.72 -1.18
N GLU A 20 1.63 17.23 -0.98
CA GLU A 20 2.67 17.14 -2.00
C GLU A 20 3.21 15.72 -2.12
N GLU A 21 3.48 15.10 -0.97
CA GLU A 21 3.95 13.72 -0.95
C GLU A 21 2.85 12.77 -1.39
N ILE A 22 1.61 13.10 -1.06
CA ILE A 22 0.46 12.34 -1.54
C ILE A 22 0.31 12.47 -3.05
N ARG A 23 0.45 13.69 -3.56
CA ARG A 23 0.39 13.93 -4.99
C ARG A 23 1.38 13.03 -5.74
N LYS A 24 2.59 12.91 -5.19
CA LYS A 24 3.57 12.00 -5.75
C LYS A 24 3.03 10.58 -5.84
N VAL A 25 2.44 10.09 -4.76
CA VAL A 25 1.86 8.76 -4.72
C VAL A 25 0.73 8.62 -5.73
N LEU A 26 -0.15 9.61 -5.76
CA LEU A 26 -1.30 9.58 -6.66
C LEU A 26 -0.87 9.57 -8.12
N ALA A 27 0.19 10.32 -8.42
CA ALA A 27 0.76 10.32 -9.76
C ALA A 27 1.27 8.94 -10.15
N TRP A 28 1.93 8.28 -9.21
CA TRP A 28 2.43 6.92 -9.44
C TRP A 28 1.29 5.95 -9.70
N LEU A 29 0.18 6.15 -8.98
CA LEU A 29 -1.00 5.31 -9.16
C LEU A 29 -1.60 5.49 -10.55
N GLU A 30 -1.55 6.72 -11.06
CA GLU A 30 -2.03 7.02 -12.40
C GLU A 30 -1.13 6.42 -13.46
N ARG A 31 0.17 6.37 -13.17
CA ARG A 31 1.15 5.79 -14.08
C ARG A 31 0.93 4.28 -14.23
N VAL A 32 0.59 3.63 -13.12
CA VAL A 32 0.32 2.20 -13.13
C VAL A 32 -1.03 1.90 -13.78
N GLY A 33 -2.05 2.63 -13.36
CA GLY A 33 -3.40 2.43 -13.88
C GLY A 33 -4.07 1.24 -13.20
N GLY A 34 -5.08 0.69 -13.87
CA GLY A 34 -5.80 -0.48 -13.34
C GLY A 34 -6.88 -0.06 -12.36
N GLU A 35 -7.19 -0.94 -11.41
CA GLU A 35 -8.21 -0.67 -10.40
C GLU A 35 -7.58 -0.29 -9.07
N ARG A 36 -7.78 0.95 -8.66
CA ARG A 36 -7.10 1.49 -7.49
C ARG A 36 -8.04 1.53 -6.28
N LYS A 37 -7.61 0.90 -5.20
CA LYS A 37 -8.30 1.03 -3.92
C LYS A 37 -7.32 1.17 -2.77
N VAL A 38 -7.83 1.51 -1.58
CA VAL A 38 -6.98 1.72 -0.42
C VAL A 38 -7.68 1.27 0.86
N LEU A 39 -6.94 0.58 1.72
CA LEU A 39 -7.50 0.09 2.98
C LEU A 39 -6.74 0.65 4.17
N LYS A 40 -7.47 0.96 5.24
CA LYS A 40 -6.87 1.41 6.48
C LYS A 40 -6.92 0.32 7.54
N VAL A 41 -5.74 -0.18 7.93
CA VAL A 41 -5.65 -1.25 8.92
C VAL A 41 -4.80 -0.82 10.11
N ALA A 42 -5.44 -0.65 11.26
CA ALA A 42 -4.74 -0.29 12.49
C ALA A 42 -3.84 0.91 12.26
N GLY A 43 -4.29 1.85 11.44
CA GLY A 43 -3.58 3.10 11.24
C GLY A 43 -2.78 3.08 9.94
N LYS A 44 -2.30 1.90 9.57
CA LYS A 44 -1.44 1.76 8.40
C LYS A 44 -2.25 1.72 7.12
N ILE A 45 -1.78 2.45 6.10
CA ILE A 45 -2.54 2.59 4.86
C ILE A 45 -1.94 1.73 3.75
N LEU A 46 -2.74 0.78 3.25
CA LEU A 46 -2.30 -0.08 2.17
C LEU A 46 -3.10 0.18 0.90
N ILE A 47 -2.41 0.63 -0.14
CA ILE A 47 -3.05 0.89 -1.43
C ILE A 47 -2.89 -0.32 -2.36
N ILE A 48 -4.02 -0.83 -2.85
CA ILE A 48 -4.01 -2.02 -3.69
C ILE A 48 -4.43 -1.69 -5.12
N VAL A 49 -3.52 -1.90 -6.06
CA VAL A 49 -3.78 -1.62 -7.46
C VAL A 49 -3.84 -2.91 -8.28
N GLU A 50 -5.04 -3.29 -8.70
CA GLU A 50 -5.24 -4.52 -9.43
C GLU A 50 -4.93 -4.34 -10.92
N LYS A 51 -4.22 -5.31 -11.49
CA LYS A 51 -3.79 -5.21 -12.89
C LYS A 51 -3.39 -6.58 -13.43
N ARG A 52 -3.56 -6.76 -14.74
CA ARG A 52 -3.31 -8.04 -15.36
C ARG A 52 -1.83 -8.43 -15.28
N ALA A 53 -0.98 -7.43 -15.10
CA ALA A 53 0.45 -7.66 -15.00
C ALA A 53 0.88 -7.92 -13.57
N GLY A 54 -0.11 -7.97 -12.67
CA GLY A 54 0.17 -8.19 -11.25
C GLY A 54 -0.22 -6.96 -10.42
N SER A 55 -0.55 -7.19 -9.16
CA SER A 55 -1.03 -6.12 -8.29
C SER A 55 0.11 -5.26 -7.77
N ARG A 56 -0.10 -3.96 -7.76
CA ARG A 56 0.88 -3.03 -7.20
C ARG A 56 0.44 -2.53 -5.82
N LEU A 57 1.28 -2.78 -4.82
CA LEU A 57 0.93 -2.48 -3.44
C LEU A 57 1.80 -1.35 -2.89
N LEU A 58 1.16 -0.35 -2.31
CA LEU A 58 1.88 0.71 -1.60
C LEU A 58 1.46 0.77 -0.13
N LEU A 59 2.40 0.49 0.76
CA LEU A 59 2.15 0.56 2.20
C LEU A 59 2.78 1.81 2.80
N LEU A 60 1.93 2.70 3.31
CA LEU A 60 2.39 4.00 3.81
C LEU A 60 1.95 4.22 5.25
N TYR A 61 2.86 4.74 6.07
CA TYR A 61 2.55 5.06 7.46
C TYR A 61 3.69 5.83 8.12
N ALA A 62 3.34 6.95 8.75
CA ALA A 62 4.30 7.68 9.58
C ALA A 62 5.48 8.17 8.75
N GLY A 63 5.22 8.48 7.49
CA GLY A 63 6.24 9.07 6.62
C GLY A 63 7.04 7.99 5.89
N ARG A 64 6.75 6.73 6.21
CA ARG A 64 7.44 5.61 5.61
C ARG A 64 6.61 4.97 4.50
N VAL A 65 7.28 4.49 3.46
CA VAL A 65 6.61 3.90 2.31
C VAL A 65 7.43 2.77 1.70
N ILE A 66 6.76 1.67 1.38
CA ILE A 66 7.38 0.60 0.61
C ILE A 66 6.53 0.24 -0.61
N GLU A 67 7.17 -0.36 -1.61
CA GLU A 67 6.51 -0.65 -2.87
C GLU A 67 6.98 -1.98 -3.45
N LYS A 68 6.04 -2.77 -3.94
CA LYS A 68 6.36 -4.03 -4.60
C LYS A 68 5.39 -4.33 -5.73
N GLU A 69 5.94 -4.71 -6.89
CA GLU A 69 5.12 -5.03 -8.05
C GLU A 69 4.92 -6.54 -8.18
N GLY A 70 3.84 -6.93 -8.83
CA GLY A 70 3.58 -8.34 -9.13
C GLY A 70 3.12 -9.09 -7.89
N MET A 71 2.23 -8.47 -7.12
CA MET A 71 1.75 -9.05 -5.88
C MET A 71 0.44 -9.80 -6.08
N SER A 72 0.18 -10.78 -5.21
CA SER A 72 -1.07 -11.51 -5.24
C SER A 72 -2.03 -11.01 -4.18
N ARG A 73 -3.30 -11.40 -4.30
CA ARG A 73 -4.33 -10.99 -3.34
C ARG A 73 -4.15 -11.70 -2.00
N GLU A 74 -3.54 -12.87 -2.04
CA GLU A 74 -3.18 -13.59 -0.83
C GLU A 74 -2.10 -12.84 -0.05
N GLU A 75 -1.15 -12.25 -0.77
CA GLU A 75 -0.10 -11.45 -0.16
C GLU A 75 -0.66 -10.17 0.44
N VAL A 76 -1.67 -9.60 -0.23
CA VAL A 76 -2.39 -8.46 0.31
C VAL A 76 -3.00 -8.79 1.68
N GLU A 77 -3.62 -9.95 1.77
CA GLU A 77 -4.19 -10.42 3.04
C GLU A 77 -3.10 -10.66 4.08
N ALA A 78 -1.97 -11.20 3.63
CA ALA A 78 -0.84 -11.46 4.51
C ALA A 78 -0.32 -10.17 5.14
N ILE A 79 -0.23 -9.12 4.32
CA ILE A 79 0.22 -7.82 4.80
C ILE A 79 -0.72 -7.28 5.88
N LYS A 80 -2.01 -7.35 5.61
CA LYS A 80 -3.02 -6.89 6.56
C LYS A 80 -2.94 -7.66 7.87
N GLN A 81 -2.65 -8.96 7.77
CA GLN A 81 -2.45 -9.80 8.94
C GLN A 81 -1.21 -9.38 9.72
N LEU A 82 -0.13 -9.10 8.99
CA LEU A 82 1.10 -8.63 9.59
C LEU A 82 0.89 -7.32 10.35
N ILE A 83 0.10 -6.43 9.75
CA ILE A 83 -0.25 -5.17 10.39
C ILE A 83 -1.00 -5.39 11.69
N SER A 84 -1.99 -6.27 11.66
CA SER A 84 -2.77 -6.59 12.85
C SER A 84 -1.94 -7.37 13.86
N ALA A 85 -0.86 -7.97 13.39
CA ALA A 85 0.06 -8.69 14.27
C ALA A 85 0.98 -7.72 15.00
N GLY A 86 0.99 -6.47 14.56
CA GLY A 86 1.79 -5.43 15.20
C GLY A 86 3.15 -5.28 14.52
N ALA A 87 3.25 -5.79 13.30
CA ALA A 87 4.48 -5.67 12.53
C ALA A 87 4.61 -4.29 11.91
N THR A 88 5.86 -3.82 11.79
CA THR A 88 6.12 -2.52 11.21
C THR A 88 6.20 -2.60 9.69
N VAL A 89 6.22 -1.43 9.04
CA VAL A 89 6.30 -1.37 7.58
C VAL A 89 7.57 -2.04 7.08
N GLU A 90 8.68 -1.81 7.78
CA GLU A 90 9.95 -2.42 7.40
C GLU A 90 9.91 -3.93 7.58
N GLU A 91 9.30 -4.39 8.67
CA GLU A 91 9.18 -5.81 8.95
C GLU A 91 8.31 -6.50 7.91
N ILE A 92 7.23 -5.83 7.51
CA ILE A 92 6.36 -6.34 6.45
C ILE A 92 7.11 -6.47 5.13
N GLU A 93 7.89 -5.45 4.80
CA GLU A 93 8.75 -5.51 3.62
C GLU A 93 9.65 -6.74 3.65
N ALA A 94 10.27 -6.98 4.80
CA ALA A 94 11.17 -8.13 4.96
C ALA A 94 10.44 -9.44 4.68
N ILE A 95 9.22 -9.56 5.20
CA ILE A 95 8.43 -10.76 4.99
C ILE A 95 8.08 -10.95 3.52
N ILE A 96 7.74 -9.84 2.86
CA ILE A 96 7.46 -9.87 1.43
C ILE A 96 8.66 -10.38 0.64
N LYS A 97 9.84 -9.91 1.01
CA LYS A 97 11.08 -10.36 0.36
C LYS A 97 11.34 -11.84 0.61
N ARG A 98 11.02 -12.28 1.82
CA ARG A 98 11.16 -13.69 2.17
C ARG A 98 10.19 -14.57 1.38
N ILE A 99 8.97 -14.05 1.18
CA ILE A 99 8.00 -14.73 0.36
C ILE A 99 8.48 -14.86 -1.09
N GLU A 100 9.03 -13.77 -1.61
CA GLU A 100 9.62 -13.80 -2.95
C GLU A 100 10.73 -14.82 -3.06
N ALA A 101 11.61 -14.84 -2.07
CA ALA A 101 12.72 -15.79 -2.04
C ALA A 101 12.21 -17.22 -1.95
N ARG A 102 11.15 -17.43 -1.19
CA ARG A 102 10.57 -18.76 -1.02
C ARG A 102 10.05 -19.30 -2.35
N GLY A 1 -15.85 -1.35 -4.83
CA GLY A 1 -15.36 -0.18 -5.55
C GLY A 1 -13.97 0.22 -5.07
N LEU A 2 -13.43 1.28 -5.64
CA LEU A 2 -12.11 1.77 -5.27
C LEU A 2 -12.19 3.10 -4.53
N LEU A 3 -11.22 3.35 -3.66
CA LEU A 3 -11.19 4.59 -2.89
C LEU A 3 -10.90 5.79 -3.77
N THR A 4 -11.63 6.88 -3.55
CA THR A 4 -11.52 8.07 -4.38
C THR A 4 -10.29 8.89 -4.02
N ARG A 5 -9.90 9.79 -4.93
CA ARG A 5 -8.67 10.54 -4.76
C ARG A 5 -8.72 11.41 -3.51
N GLU A 6 -9.89 11.99 -3.26
CA GLU A 6 -10.07 12.86 -2.10
C GLU A 6 -9.97 12.06 -0.80
N GLU A 7 -10.54 10.86 -0.79
CA GLU A 7 -10.46 9.99 0.37
C GLU A 7 -9.04 9.49 0.59
N ILE A 8 -8.35 9.22 -0.50
CA ILE A 8 -6.94 8.82 -0.44
C ILE A 8 -6.08 9.92 0.17
N GLU A 9 -6.33 11.15 -0.25
CA GLU A 9 -5.65 12.31 0.33
C GLU A 9 -5.79 12.33 1.85
N ALA A 10 -7.01 12.21 2.33
CA ALA A 10 -7.28 12.22 3.76
C ALA A 10 -6.59 11.06 4.46
N ALA A 11 -6.66 9.88 3.86
CA ALA A 11 -6.09 8.67 4.45
C ALA A 11 -4.58 8.81 4.63
N LEU A 12 -3.91 9.31 3.60
CA LEU A 12 -2.47 9.48 3.64
C LEU A 12 -2.06 10.59 4.60
N LYS A 13 -2.88 11.64 4.65
CA LYS A 13 -2.69 12.71 5.63
C LYS A 13 -2.70 12.18 7.05
N GLU A 14 -3.63 11.27 7.33
CA GLU A 14 -3.71 10.62 8.63
C GLU A 14 -2.48 9.75 8.89
N ALA A 15 -2.03 9.06 7.84
CA ALA A 15 -0.85 8.22 7.94
C ALA A 15 0.39 9.05 8.26
N GLY A 16 0.43 10.27 7.74
CA GLY A 16 1.47 11.22 8.10
C GLY A 16 2.27 11.65 6.88
N PHE A 17 1.58 11.78 5.74
CA PHE A 17 2.22 12.18 4.50
C PHE A 17 1.80 13.60 4.10
N THR A 18 2.70 14.29 3.39
CA THR A 18 2.44 15.65 2.96
C THR A 18 1.64 15.67 1.65
N GLU A 19 1.14 16.85 1.29
CA GLU A 19 0.37 17.00 0.07
C GLU A 19 1.14 16.50 -1.14
N GLU A 20 2.44 16.80 -1.18
CA GLU A 20 3.28 16.43 -2.31
C GLU A 20 3.45 14.92 -2.39
N GLU A 21 3.60 14.28 -1.24
CA GLU A 21 3.69 12.82 -1.18
C GLU A 21 2.36 12.18 -1.57
N ILE A 22 1.26 12.85 -1.21
CA ILE A 22 -0.06 12.41 -1.64
C ILE A 22 -0.22 12.52 -3.15
N ARG A 23 0.27 13.61 -3.72
CA ARG A 23 0.26 13.81 -5.16
C ARG A 23 0.96 12.66 -5.88
N LYS A 24 2.07 12.22 -5.32
CA LYS A 24 2.82 11.11 -5.88
C LYS A 24 1.96 9.85 -5.99
N VAL A 25 1.25 9.54 -4.90
CA VAL A 25 0.40 8.36 -4.86
C VAL A 25 -0.76 8.48 -5.83
N LEU A 26 -1.38 9.66 -5.85
CA LEU A 26 -2.51 9.92 -6.75
C LEU A 26 -2.08 9.92 -8.20
N ALA A 27 -0.84 10.36 -8.45
CA ALA A 27 -0.26 10.29 -9.78
C ALA A 27 -0.08 8.85 -10.23
N TRP A 28 0.36 7.99 -9.32
CA TRP A 28 0.51 6.57 -9.60
C TRP A 28 -0.82 5.92 -9.91
N LEU A 29 -1.86 6.33 -9.17
CA LEU A 29 -3.21 5.89 -9.44
C LEU A 29 -3.62 6.18 -10.88
N GLU A 30 -3.47 7.43 -11.28
CA GLU A 30 -3.91 7.87 -12.61
C GLU A 30 -2.97 7.34 -13.69
N ARG A 31 -1.69 7.21 -13.34
CA ARG A 31 -0.68 6.77 -14.29
C ARG A 31 -0.95 5.34 -14.76
N VAL A 32 -1.18 4.45 -13.81
CA VAL A 32 -1.40 3.04 -14.12
C VAL A 32 -2.80 2.82 -14.69
N GLY A 33 -3.80 3.38 -14.01
CA GLY A 33 -5.18 3.30 -14.48
C GLY A 33 -5.75 1.90 -14.29
N GLY A 34 -5.18 1.16 -13.36
CA GLY A 34 -5.63 -0.20 -13.08
C GLY A 34 -6.50 -0.25 -11.83
N GLU A 35 -6.80 -1.46 -11.36
CA GLU A 35 -7.65 -1.65 -10.20
C GLU A 35 -6.89 -1.41 -8.91
N ARG A 36 -6.56 -0.15 -8.64
CA ARG A 36 -5.82 0.20 -7.44
C ARG A 36 -6.75 0.55 -6.29
N LYS A 37 -6.65 -0.21 -5.20
CA LYS A 37 -7.52 -0.01 -4.04
C LYS A 37 -6.71 0.38 -2.82
N VAL A 38 -7.12 1.45 -2.16
CA VAL A 38 -6.39 1.98 -1.01
C VAL A 38 -7.11 1.66 0.30
N LEU A 39 -6.45 0.90 1.16
CA LEU A 39 -7.05 0.46 2.41
C LEU A 39 -6.31 1.07 3.61
N LYS A 40 -7.06 1.33 4.68
CA LYS A 40 -6.47 1.79 5.93
C LYS A 40 -6.70 0.78 7.05
N VAL A 41 -5.64 0.07 7.43
CA VAL A 41 -5.74 -0.95 8.46
C VAL A 41 -4.94 -0.56 9.70
N ALA A 42 -5.64 -0.31 10.81
CA ALA A 42 -5.00 0.08 12.05
C ALA A 42 -4.07 1.27 11.83
N GLY A 43 -4.47 2.18 10.95
CA GLY A 43 -3.73 3.41 10.73
C GLY A 43 -2.83 3.31 9.51
N LYS A 44 -2.41 2.09 9.19
CA LYS A 44 -1.45 1.87 8.10
C LYS A 44 -2.16 1.80 6.76
N ILE A 45 -1.60 2.47 5.76
CA ILE A 45 -2.21 2.50 4.43
C ILE A 45 -1.63 1.42 3.54
N LEU A 46 -2.49 0.47 3.14
CA LEU A 46 -2.06 -0.63 2.29
C LEU A 46 -2.72 -0.56 0.92
N ILE A 47 -1.91 -0.43 -0.12
CA ILE A 47 -2.41 -0.21 -1.47
C ILE A 47 -1.97 -1.33 -2.41
N ILE A 48 -2.91 -1.83 -3.20
CA ILE A 48 -2.61 -2.82 -4.23
C ILE A 48 -3.36 -2.53 -5.52
N VAL A 49 -2.66 -2.66 -6.65
CA VAL A 49 -3.28 -2.47 -7.95
C VAL A 49 -3.19 -3.73 -8.80
N GLU A 50 -4.29 -4.11 -9.41
CA GLU A 50 -4.32 -5.28 -10.28
C GLU A 50 -4.47 -4.87 -11.75
N LYS A 51 -3.66 -5.48 -12.61
CA LYS A 51 -3.64 -5.13 -14.01
C LYS A 51 -2.96 -6.20 -14.85
N ARG A 52 -3.35 -6.31 -16.11
CA ARG A 52 -2.83 -7.36 -16.99
C ARG A 52 -1.33 -7.18 -17.23
N ALA A 53 -0.86 -5.94 -17.05
CA ALA A 53 0.56 -5.64 -17.24
C ALA A 53 1.38 -6.07 -16.03
N GLY A 54 0.68 -6.33 -14.92
CA GLY A 54 1.34 -6.73 -13.68
C GLY A 54 0.77 -5.99 -12.48
N SER A 55 0.74 -6.65 -11.34
CA SER A 55 0.23 -6.04 -10.11
C SER A 55 1.36 -5.41 -9.30
N ARG A 56 1.00 -4.52 -8.38
CA ARG A 56 1.98 -3.89 -7.50
C ARG A 56 1.34 -3.49 -6.18
N LEU A 57 2.13 -3.55 -5.11
CA LEU A 57 1.61 -3.29 -3.77
C LEU A 57 2.47 -2.25 -3.05
N LEU A 58 1.82 -1.30 -2.38
CA LEU A 58 2.51 -0.30 -1.59
C LEU A 58 2.07 -0.36 -0.13
N LEU A 59 3.01 -0.11 0.77
CA LEU A 59 2.70 0.03 2.19
C LEU A 59 3.17 1.38 2.73
N LEU A 60 2.21 2.23 3.09
CA LEU A 60 2.51 3.61 3.46
C LEU A 60 2.10 3.91 4.89
N TYR A 61 3.03 4.44 5.67
CA TYR A 61 2.73 4.88 7.04
C TYR A 61 3.89 5.67 7.62
N ALA A 62 3.58 6.82 8.21
CA ALA A 62 4.55 7.60 8.95
C ALA A 62 5.69 8.06 8.04
N GLY A 63 5.36 8.29 6.77
CA GLY A 63 6.32 8.85 5.82
C GLY A 63 7.07 7.76 5.08
N ARG A 64 6.97 6.54 5.58
CA ARG A 64 7.70 5.41 5.01
C ARG A 64 6.86 4.69 3.95
N VAL A 65 7.45 4.49 2.78
CA VAL A 65 6.76 3.82 1.68
C VAL A 65 7.51 2.57 1.24
N ILE A 66 6.86 1.42 1.33
CA ILE A 66 7.43 0.17 0.84
C ILE A 66 6.80 -0.25 -0.48
N GLU A 67 7.64 -0.42 -1.50
CA GLU A 67 7.16 -0.81 -2.82
C GLU A 67 7.55 -2.24 -3.16
N LYS A 68 6.58 -3.02 -3.61
CA LYS A 68 6.84 -4.39 -4.05
C LYS A 68 5.92 -4.77 -5.21
N GLU A 69 6.52 -5.04 -6.36
CA GLU A 69 5.75 -5.39 -7.55
C GLU A 69 5.60 -6.90 -7.68
N GLY A 70 4.43 -7.33 -8.11
CA GLY A 70 4.16 -8.75 -8.34
C GLY A 70 3.49 -9.38 -7.13
N MET A 71 2.83 -8.57 -6.32
CA MET A 71 2.12 -9.04 -5.14
C MET A 71 0.71 -9.49 -5.49
N SER A 72 0.28 -10.60 -4.89
CA SER A 72 -0.98 -11.23 -5.26
C SER A 72 -2.11 -10.75 -4.36
N ARG A 73 -3.34 -11.09 -4.74
CA ARG A 73 -4.51 -10.72 -3.96
C ARG A 73 -4.58 -11.48 -2.65
N GLU A 74 -3.87 -12.61 -2.60
CA GLU A 74 -3.77 -13.40 -1.38
C GLU A 74 -2.74 -12.82 -0.41
N GLU A 75 -1.65 -12.32 -0.97
CA GLU A 75 -0.55 -11.81 -0.16
C GLU A 75 -0.94 -10.51 0.55
N VAL A 76 -1.68 -9.65 -0.15
CA VAL A 76 -2.15 -8.41 0.43
C VAL A 76 -3.08 -8.65 1.61
N GLU A 77 -3.76 -9.80 1.58
CA GLU A 77 -4.60 -10.21 2.70
C GLU A 77 -3.76 -10.62 3.90
N ALA A 78 -2.67 -11.33 3.63
CA ALA A 78 -1.74 -11.73 4.68
C ALA A 78 -1.10 -10.51 5.34
N ILE A 79 -0.80 -9.50 4.53
CA ILE A 79 -0.22 -8.27 5.04
C ILE A 79 -1.16 -7.55 5.99
N LYS A 80 -2.43 -7.49 5.62
CA LYS A 80 -3.46 -6.94 6.49
C LYS A 80 -3.51 -7.68 7.82
N GLN A 81 -3.36 -8.99 7.77
CA GLN A 81 -3.30 -9.80 8.98
C GLN A 81 -2.09 -9.45 9.82
N LEU A 82 -0.94 -9.26 9.16
CA LEU A 82 0.28 -8.86 9.84
C LEU A 82 0.12 -7.52 10.52
N ILE A 83 -0.55 -6.59 9.85
CA ILE A 83 -0.83 -5.27 10.42
C ILE A 83 -1.69 -5.39 11.67
N SER A 84 -2.75 -6.19 11.58
CA SER A 84 -3.65 -6.41 12.71
C SER A 84 -2.96 -7.20 13.82
N ALA A 85 -1.90 -7.91 13.46
CA ALA A 85 -1.10 -8.65 14.44
C ALA A 85 -0.20 -7.72 15.22
N GLY A 86 -0.06 -6.48 14.74
CA GLY A 86 0.73 -5.47 15.44
C GLY A 86 2.13 -5.37 14.85
N ALA A 87 2.30 -5.89 13.63
CA ALA A 87 3.57 -5.81 12.94
C ALA A 87 3.81 -4.42 12.37
N THR A 88 5.06 -3.98 12.39
CA THR A 88 5.42 -2.66 11.87
C THR A 88 5.68 -2.73 10.37
N VAL A 89 5.82 -1.55 9.76
CA VAL A 89 6.11 -1.46 8.33
C VAL A 89 7.43 -2.15 7.99
N GLU A 90 8.43 -1.94 8.84
CA GLU A 90 9.75 -2.53 8.62
C GLU A 90 9.71 -4.05 8.79
N GLU A 91 8.93 -4.51 9.77
CA GLU A 91 8.77 -5.93 10.00
C GLU A 91 8.05 -6.60 8.83
N ILE A 92 6.98 -5.98 8.38
CA ILE A 92 6.24 -6.48 7.22
C ILE A 92 7.11 -6.45 5.97
N GLU A 93 7.87 -5.37 5.79
CA GLU A 93 8.84 -5.27 4.71
C GLU A 93 9.75 -6.50 4.68
N ALA A 94 10.35 -6.81 5.82
CA ALA A 94 11.25 -7.95 5.92
C ALA A 94 10.54 -9.25 5.57
N ILE A 95 9.31 -9.40 6.05
CA ILE A 95 8.52 -10.58 5.77
C ILE A 95 8.27 -10.74 4.28
N ILE A 96 7.91 -9.63 3.63
CA ILE A 96 7.68 -9.63 2.19
C ILE A 96 8.94 -10.04 1.44
N LYS A 97 10.08 -9.53 1.88
CA LYS A 97 11.36 -9.87 1.28
C LYS A 97 11.67 -11.35 1.45
N ARG A 98 11.31 -11.90 2.60
CA ARG A 98 11.49 -13.32 2.88
C ARG A 98 10.58 -14.17 1.99
N ILE A 99 9.37 -13.67 1.76
CA ILE A 99 8.44 -14.32 0.84
C ILE A 99 8.99 -14.37 -0.58
N GLU A 100 9.60 -13.27 -1.00
CA GLU A 100 10.23 -13.20 -2.32
C GLU A 100 11.44 -14.11 -2.40
N ALA A 101 12.21 -14.15 -1.33
CA ALA A 101 13.38 -15.02 -1.26
C ALA A 101 12.99 -16.49 -1.32
N ARG A 102 11.87 -16.82 -0.68
CA ARG A 102 11.37 -18.19 -0.68
C ARG A 102 10.98 -18.64 -2.07
N GLY A 1 -12.92 0.13 -0.34
CA GLY A 1 -12.04 -0.32 -1.41
C GLY A 1 -11.43 0.87 -2.14
N LEU A 2 -12.03 1.25 -3.26
CA LEU A 2 -11.52 2.36 -4.07
C LEU A 2 -11.89 3.70 -3.45
N LEU A 3 -10.87 4.45 -3.03
CA LEU A 3 -11.08 5.78 -2.48
C LEU A 3 -10.77 6.86 -3.51
N THR A 4 -11.28 8.07 -3.27
CA THR A 4 -11.00 9.20 -4.14
C THR A 4 -9.69 9.87 -3.79
N ARG A 5 -9.24 10.78 -4.64
CA ARG A 5 -7.97 11.47 -4.43
C ARG A 5 -7.95 12.19 -3.09
N GLU A 6 -9.09 12.81 -2.74
CA GLU A 6 -9.19 13.55 -1.49
C GLU A 6 -9.20 12.62 -0.30
N GLU A 7 -9.89 11.49 -0.43
CA GLU A 7 -9.95 10.50 0.63
C GLU A 7 -8.59 9.85 0.86
N ILE A 8 -7.90 9.55 -0.24
CA ILE A 8 -6.54 9.02 -0.16
C ILE A 8 -5.58 10.03 0.44
N GLU A 9 -5.71 11.29 0.02
CA GLU A 9 -4.90 12.36 0.57
C GLU A 9 -5.00 12.41 2.09
N ALA A 10 -6.23 12.41 2.59
CA ALA A 10 -6.46 12.42 4.04
C ALA A 10 -5.87 11.19 4.71
N ALA A 11 -6.05 10.03 4.07
CA ALA A 11 -5.54 8.78 4.60
C ALA A 11 -4.03 8.80 4.73
N LEU A 12 -3.36 9.30 3.69
CA LEU A 12 -1.90 9.34 3.67
C LEU A 12 -1.36 10.45 4.55
N LYS A 13 -2.15 11.52 4.70
CA LYS A 13 -1.85 12.57 5.66
C LYS A 13 -1.78 12.01 7.07
N GLU A 14 -2.71 11.14 7.41
CA GLU A 14 -2.70 10.45 8.70
C GLU A 14 -1.52 9.50 8.81
N ALA A 15 -1.19 8.85 7.70
CA ALA A 15 -0.04 7.96 7.63
C ALA A 15 1.26 8.72 7.89
N GLY A 16 1.32 9.95 7.38
CA GLY A 16 2.44 10.85 7.68
C GLY A 16 3.17 11.25 6.40
N PHE A 17 2.41 11.43 5.33
CA PHE A 17 2.98 11.82 4.04
C PHE A 17 2.60 13.24 3.67
N THR A 18 3.47 13.91 2.92
CA THR A 18 3.24 15.29 2.52
C THR A 18 2.40 15.36 1.24
N GLU A 19 1.93 16.56 0.92
CA GLU A 19 1.13 16.76 -0.28
C GLU A 19 1.86 16.26 -1.52
N GLU A 20 3.13 16.64 -1.66
CA GLU A 20 3.94 16.20 -2.78
C GLU A 20 3.98 14.69 -2.89
N GLU A 21 4.28 14.03 -1.77
CA GLU A 21 4.36 12.57 -1.73
C GLU A 21 3.01 11.94 -2.09
N ILE A 22 1.94 12.53 -1.58
CA ILE A 22 0.59 12.04 -1.86
C ILE A 22 0.27 12.13 -3.36
N ARG A 23 0.61 13.26 -3.96
CA ARG A 23 0.36 13.49 -5.37
C ARG A 23 1.13 12.48 -6.22
N LYS A 24 2.34 12.14 -5.78
CA LYS A 24 3.16 11.15 -6.47
C LYS A 24 2.50 9.77 -6.44
N VAL A 25 1.97 9.41 -5.27
CA VAL A 25 1.26 8.14 -5.12
C VAL A 25 0.03 8.09 -6.01
N LEU A 26 -0.73 9.18 -6.05
CA LEU A 26 -1.90 9.28 -6.90
C LEU A 26 -1.51 9.22 -8.37
N ALA A 27 -0.40 9.86 -8.71
CA ALA A 27 0.11 9.84 -10.07
C ALA A 27 0.49 8.43 -10.50
N TRP A 28 1.09 7.68 -9.58
CA TRP A 28 1.51 6.31 -9.86
C TRP A 28 0.31 5.45 -10.26
N LEU A 29 -0.81 5.67 -9.58
CA LEU A 29 -2.05 4.99 -9.94
C LEU A 29 -2.45 5.31 -11.38
N GLU A 30 -2.40 6.58 -11.74
CA GLU A 30 -2.77 7.01 -13.08
C GLU A 30 -1.83 6.41 -14.13
N ARG A 31 -0.57 6.22 -13.75
CA ARG A 31 0.41 5.63 -14.64
C ARG A 31 0.10 4.15 -14.89
N VAL A 32 -0.32 3.46 -13.84
CA VAL A 32 -0.65 2.04 -13.94
C VAL A 32 -1.99 1.84 -14.63
N GLY A 33 -3.00 2.55 -14.15
CA GLY A 33 -4.34 2.46 -14.73
C GLY A 33 -5.07 1.23 -14.22
N GLY A 34 -4.72 0.79 -13.01
CA GLY A 34 -5.34 -0.39 -12.41
C GLY A 34 -6.42 0.01 -11.41
N GLU A 35 -6.89 -0.96 -10.64
CA GLU A 35 -7.91 -0.72 -9.63
C GLU A 35 -7.31 -0.65 -8.23
N ARG A 36 -7.42 0.52 -7.61
CA ARG A 36 -6.81 0.74 -6.30
C ARG A 36 -7.76 0.36 -5.17
N LYS A 37 -7.27 -0.45 -4.24
CA LYS A 37 -8.01 -0.75 -3.02
C LYS A 37 -7.21 -0.40 -1.78
N VAL A 38 -7.79 0.44 -0.92
CA VAL A 38 -7.05 1.00 0.20
C VAL A 38 -7.55 0.42 1.53
N LEU A 39 -6.63 -0.16 2.29
CA LEU A 39 -6.95 -0.61 3.65
C LEU A 39 -6.22 0.22 4.69
N LYS A 40 -7.00 0.94 5.50
CA LYS A 40 -6.42 1.77 6.56
C LYS A 40 -6.62 1.14 7.93
N VAL A 41 -5.52 0.79 8.57
CA VAL A 41 -5.56 0.24 9.93
C VAL A 41 -4.63 1.00 10.86
N ALA A 42 -5.20 1.78 11.76
CA ALA A 42 -4.42 2.55 12.74
C ALA A 42 -3.35 3.38 12.05
N GLY A 43 -3.71 3.97 10.92
CA GLY A 43 -2.82 4.90 10.22
C GLY A 43 -2.09 4.22 9.08
N LYS A 44 -1.95 2.90 9.17
CA LYS A 44 -1.21 2.13 8.18
C LYS A 44 -2.03 1.96 6.90
N ILE A 45 -1.50 2.47 5.79
CA ILE A 45 -2.22 2.44 4.53
C ILE A 45 -1.68 1.36 3.60
N LEU A 46 -2.45 0.29 3.44
CA LEU A 46 -2.11 -0.76 2.49
C LEU A 46 -2.85 -0.59 1.18
N ILE A 47 -2.12 -0.19 0.14
CA ILE A 47 -2.71 0.00 -1.18
C ILE A 47 -2.50 -1.22 -2.07
N ILE A 48 -3.59 -1.72 -2.64
CA ILE A 48 -3.52 -2.80 -3.61
C ILE A 48 -4.06 -2.37 -4.96
N VAL A 49 -3.17 -2.29 -5.95
CA VAL A 49 -3.58 -1.96 -7.31
C VAL A 49 -3.63 -3.21 -8.19
N GLU A 50 -4.84 -3.55 -8.63
CA GLU A 50 -5.05 -4.78 -9.40
C GLU A 50 -4.95 -4.51 -10.90
N LYS A 51 -4.28 -5.41 -11.62
CA LYS A 51 -4.14 -5.28 -13.06
C LYS A 51 -3.69 -6.60 -13.68
N ARG A 52 -4.19 -6.87 -14.88
CA ARG A 52 -3.94 -8.15 -15.53
C ARG A 52 -2.47 -8.28 -15.93
N ALA A 53 -1.79 -7.15 -16.07
CA ALA A 53 -0.39 -7.13 -16.45
C ALA A 53 0.52 -7.36 -15.26
N GLY A 54 -0.09 -7.42 -14.06
CA GLY A 54 0.65 -7.62 -12.84
C GLY A 54 0.19 -6.68 -11.74
N SER A 55 0.11 -7.19 -10.51
CA SER A 55 -0.37 -6.40 -9.38
C SER A 55 0.71 -5.45 -8.87
N ARG A 56 0.28 -4.39 -8.20
CA ARG A 56 1.21 -3.45 -7.59
C ARG A 56 0.69 -2.96 -6.24
N LEU A 57 1.44 -3.23 -5.19
CA LEU A 57 1.03 -2.84 -3.84
C LEU A 57 1.91 -1.72 -3.29
N LEU A 58 1.28 -0.78 -2.60
CA LEU A 58 2.01 0.31 -1.95
C LEU A 58 1.63 0.42 -0.48
N LEU A 59 2.40 -0.22 0.38
CA LEU A 59 2.23 -0.10 1.82
C LEU A 59 2.87 1.18 2.35
N LEU A 60 2.04 2.13 2.76
CA LEU A 60 2.51 3.48 3.07
C LEU A 60 2.23 3.83 4.52
N TYR A 61 3.29 4.11 5.28
CA TYR A 61 3.16 4.50 6.67
C TYR A 61 4.45 5.10 7.19
N ALA A 62 4.33 6.18 7.97
CA ALA A 62 5.49 6.78 8.62
C ALA A 62 6.49 7.30 7.61
N GLY A 63 6.00 7.69 6.44
CA GLY A 63 6.84 8.29 5.41
C GLY A 63 7.62 7.22 4.65
N ARG A 64 7.31 5.96 4.91
CA ARG A 64 7.99 4.85 4.28
C ARG A 64 7.18 4.30 3.11
N VAL A 65 7.81 4.23 1.94
CA VAL A 65 7.16 3.70 0.75
C VAL A 65 7.60 2.27 0.46
N ILE A 66 6.69 1.33 0.61
CA ILE A 66 6.99 -0.07 0.37
C ILE A 66 6.22 -0.60 -0.84
N GLU A 67 6.95 -0.85 -1.93
CA GLU A 67 6.34 -1.24 -3.20
C GLU A 67 6.60 -2.70 -3.52
N LYS A 68 5.58 -3.40 -4.00
CA LYS A 68 5.72 -4.80 -4.39
C LYS A 68 5.01 -5.07 -5.71
N GLU A 69 5.73 -5.69 -6.64
CA GLU A 69 5.18 -6.00 -7.96
C GLU A 69 4.89 -7.49 -8.09
N GLY A 70 3.81 -7.82 -8.80
CA GLY A 70 3.53 -9.19 -9.17
C GLY A 70 3.13 -10.01 -7.96
N MET A 71 2.52 -9.36 -6.97
CA MET A 71 2.18 -10.00 -5.71
C MET A 71 0.86 -10.75 -5.82
N SER A 72 0.85 -12.01 -5.37
CA SER A 72 -0.34 -12.83 -5.44
C SER A 72 -1.34 -12.47 -4.35
N ARG A 73 -2.61 -12.80 -4.57
CA ARG A 73 -3.66 -12.42 -3.64
C ARG A 73 -3.47 -13.07 -2.29
N GLU A 74 -2.92 -14.29 -2.29
CA GLU A 74 -2.63 -15.01 -1.06
C GLU A 74 -1.55 -14.30 -0.25
N GLU A 75 -0.53 -13.80 -0.94
CA GLU A 75 0.53 -13.05 -0.30
C GLU A 75 0.02 -11.70 0.21
N VAL A 76 -0.88 -11.10 -0.55
CA VAL A 76 -1.54 -9.86 -0.12
C VAL A 76 -2.30 -10.07 1.18
N GLU A 77 -3.05 -11.18 1.25
CA GLU A 77 -3.81 -11.51 2.45
C GLU A 77 -2.88 -11.77 3.63
N ALA A 78 -1.74 -12.39 3.36
CA ALA A 78 -0.74 -12.63 4.39
C ALA A 78 -0.30 -11.34 5.05
N ILE A 79 -0.09 -10.31 4.23
CA ILE A 79 0.26 -8.99 4.75
C ILE A 79 -0.89 -8.37 5.53
N LYS A 80 -2.10 -8.52 5.01
CA LYS A 80 -3.29 -8.04 5.70
C LYS A 80 -3.45 -8.70 7.06
N GLN A 81 -3.10 -9.98 7.14
CA GLN A 81 -3.14 -10.71 8.40
C GLN A 81 -2.14 -10.15 9.40
N LEU A 82 -0.94 -9.84 8.92
CA LEU A 82 0.10 -9.24 9.76
C LEU A 82 -0.37 -7.90 10.32
N ILE A 83 -1.04 -7.12 9.48
CA ILE A 83 -1.60 -5.84 9.92
C ILE A 83 -2.64 -6.04 11.01
N SER A 84 -3.55 -6.99 10.79
CA SER A 84 -4.59 -7.28 11.77
C SER A 84 -4.02 -7.94 13.01
N ALA A 85 -2.82 -8.50 12.88
CA ALA A 85 -2.13 -9.11 14.01
C ALA A 85 -1.50 -8.06 14.90
N GLY A 86 -1.42 -6.82 14.40
CA GLY A 86 -0.85 -5.72 15.15
C GLY A 86 0.66 -5.62 14.92
N ALA A 87 1.12 -6.17 13.81
CA ALA A 87 2.53 -6.08 13.45
C ALA A 87 2.91 -4.68 12.99
N THR A 88 4.16 -4.31 13.22
CA THR A 88 4.65 -2.98 12.85
C THR A 88 4.98 -2.93 11.36
N VAL A 89 5.10 -1.71 10.83
CA VAL A 89 5.40 -1.52 9.42
C VAL A 89 6.80 -2.02 9.08
N GLU A 90 7.68 -2.02 10.06
CA GLU A 90 9.03 -2.50 9.88
C GLU A 90 9.07 -4.02 9.80
N GLU A 91 8.29 -4.68 10.65
CA GLU A 91 8.17 -6.13 10.62
C GLU A 91 7.51 -6.60 9.33
N ILE A 92 6.44 -5.92 8.94
CA ILE A 92 5.74 -6.23 7.70
C ILE A 92 6.63 -5.96 6.49
N GLU A 93 7.33 -4.84 6.52
CA GLU A 93 8.29 -4.51 5.47
C GLU A 93 9.29 -5.63 5.26
N ALA A 94 9.82 -6.15 6.37
CA ALA A 94 10.78 -7.24 6.31
C ALA A 94 10.18 -8.46 5.62
N ILE A 95 8.94 -8.78 5.96
CA ILE A 95 8.24 -9.91 5.35
C ILE A 95 8.06 -9.72 3.86
N ILE A 96 7.69 -8.50 3.47
CA ILE A 96 7.52 -8.16 2.06
C ILE A 96 8.83 -8.30 1.30
N LYS A 97 9.92 -7.87 1.92
CA LYS A 97 11.25 -8.01 1.33
C LYS A 97 11.63 -9.48 1.18
N ARG A 98 11.23 -10.29 2.14
CA ARG A 98 11.45 -11.73 2.07
C ARG A 98 10.62 -12.36 0.96
N ILE A 99 9.40 -11.86 0.78
CA ILE A 99 8.56 -12.28 -0.33
C ILE A 99 9.18 -11.92 -1.67
N GLU A 100 9.78 -10.73 -1.73
CA GLU A 100 10.49 -10.30 -2.93
C GLU A 100 11.71 -11.19 -3.19
N ALA A 101 12.41 -11.54 -2.12
CA ALA A 101 13.57 -12.42 -2.23
C ALA A 101 13.15 -13.81 -2.70
N ARG A 102 11.98 -14.26 -2.26
CA ARG A 102 11.46 -15.56 -2.65
C ARG A 102 11.12 -15.59 -4.13
N GLY A 1 -12.38 -1.65 -6.83
CA GLY A 1 -12.39 -0.53 -5.91
C GLY A 1 -13.39 0.54 -6.34
N LEU A 2 -14.24 0.95 -5.41
CA LEU A 2 -15.24 1.98 -5.68
C LEU A 2 -14.92 3.28 -4.95
N LEU A 3 -13.62 3.57 -4.82
CA LEU A 3 -13.18 4.74 -4.08
C LEU A 3 -12.65 5.82 -5.01
N THR A 4 -12.71 7.06 -4.57
CA THR A 4 -12.27 8.19 -5.38
C THR A 4 -10.83 8.59 -5.04
N ARG A 5 -10.28 9.50 -5.83
CA ARG A 5 -8.93 10.01 -5.59
C ARG A 5 -8.90 10.88 -4.33
N GLU A 6 -10.04 11.43 -3.97
CA GLU A 6 -10.19 12.16 -2.71
C GLU A 6 -10.06 11.22 -1.52
N GLU A 7 -10.63 10.03 -1.65
CA GLU A 7 -10.49 8.99 -0.64
C GLU A 7 -9.06 8.50 -0.53
N ILE A 8 -8.39 8.42 -1.67
CA ILE A 8 -6.98 8.04 -1.69
C ILE A 8 -6.11 9.09 -0.99
N GLU A 9 -6.33 10.35 -1.33
CA GLU A 9 -5.59 11.45 -0.71
C GLU A 9 -5.81 11.48 0.80
N ALA A 10 -7.05 11.22 1.22
CA ALA A 10 -7.39 11.17 2.63
C ALA A 10 -6.58 10.09 3.36
N ALA A 11 -6.53 8.91 2.76
CA ALA A 11 -5.77 7.81 3.33
C ALA A 11 -4.29 8.14 3.42
N LEU A 12 -3.76 8.76 2.37
CA LEU A 12 -2.35 9.12 2.31
C LEU A 12 -2.03 10.23 3.30
N LYS A 13 -3.01 11.08 3.57
CA LYS A 13 -2.90 12.08 4.64
C LYS A 13 -2.86 11.40 6.00
N GLU A 14 -3.69 10.39 6.20
CA GLU A 14 -3.73 9.65 7.45
C GLU A 14 -2.41 8.92 7.69
N ALA A 15 -1.74 8.56 6.61
CA ALA A 15 -0.42 7.95 6.70
C ALA A 15 0.57 8.87 7.41
N GLY A 16 0.32 10.17 7.34
CA GLY A 16 1.18 11.15 7.99
C GLY A 16 2.11 11.81 6.98
N PHE A 17 1.69 11.84 5.73
CA PHE A 17 2.49 12.44 4.66
C PHE A 17 1.88 13.75 4.17
N THR A 18 2.73 14.64 3.67
CA THR A 18 2.29 15.97 3.27
C THR A 18 1.69 15.95 1.87
N GLU A 19 1.05 17.06 1.49
CA GLU A 19 0.35 17.14 0.20
C GLU A 19 1.26 16.72 -0.94
N GLU A 20 2.51 17.18 -0.91
CA GLU A 20 3.48 16.86 -1.94
C GLU A 20 3.62 15.35 -2.11
N GLU A 21 3.86 14.66 -1.00
CA GLU A 21 4.06 13.22 -1.03
C GLU A 21 2.77 12.49 -1.37
N ILE A 22 1.65 13.05 -0.94
CA ILE A 22 0.34 12.51 -1.28
C ILE A 22 0.11 12.53 -2.79
N ARG A 23 0.44 13.66 -3.41
CA ARG A 23 0.28 13.81 -4.85
C ARG A 23 1.19 12.85 -5.61
N LYS A 24 2.39 12.65 -5.09
CA LYS A 24 3.34 11.72 -5.70
C LYS A 24 2.76 10.31 -5.80
N VAL A 25 2.29 9.80 -4.68
CA VAL A 25 1.75 8.43 -4.62
C VAL A 25 0.50 8.30 -5.48
N LEU A 26 -0.38 9.28 -5.40
CA LEU A 26 -1.58 9.31 -6.21
C LEU A 26 -1.25 9.27 -7.70
N ALA A 27 -0.29 10.10 -8.10
CA ALA A 27 0.15 10.14 -9.49
C ALA A 27 0.71 8.79 -9.92
N TRP A 28 1.48 8.17 -9.04
CA TRP A 28 2.06 6.86 -9.32
C TRP A 28 0.96 5.82 -9.56
N LEU A 29 -0.11 5.90 -8.79
CA LEU A 29 -1.26 5.02 -8.97
C LEU A 29 -1.91 5.24 -10.34
N GLU A 30 -1.98 6.50 -10.75
CA GLU A 30 -2.54 6.84 -12.05
C GLU A 30 -1.64 6.37 -13.19
N ARG A 31 -0.33 6.40 -12.94
CA ARG A 31 0.65 5.93 -13.93
C ARG A 31 0.51 4.44 -14.18
N VAL A 32 0.19 3.69 -13.12
CA VAL A 32 -0.07 2.26 -13.24
C VAL A 32 -1.40 2.00 -13.95
N GLY A 33 -2.44 2.67 -13.47
CA GLY A 33 -3.76 2.59 -14.11
C GLY A 33 -4.49 1.32 -13.70
N GLY A 34 -4.12 0.77 -12.54
CA GLY A 34 -4.78 -0.41 -12.00
C GLY A 34 -5.81 -0.03 -10.94
N GLU A 35 -6.22 -1.02 -10.16
CA GLU A 35 -7.12 -0.78 -9.03
C GLU A 35 -6.46 0.10 -7.98
N ARG A 36 -7.26 0.91 -7.30
CA ARG A 36 -6.75 1.84 -6.29
C ARG A 36 -7.59 1.76 -5.02
N LYS A 37 -7.49 0.64 -4.31
CA LYS A 37 -8.22 0.45 -3.07
C LYS A 37 -7.34 0.75 -1.86
N VAL A 38 -7.72 1.76 -1.09
CA VAL A 38 -6.93 2.19 0.05
C VAL A 38 -7.56 1.77 1.37
N LEU A 39 -6.74 1.38 2.33
CA LEU A 39 -7.21 0.90 3.62
C LEU A 39 -6.41 1.51 4.76
N LYS A 40 -7.08 1.76 5.89
CA LYS A 40 -6.40 2.17 7.11
C LYS A 40 -6.55 1.13 8.20
N VAL A 41 -5.47 0.39 8.47
CA VAL A 41 -5.51 -0.68 9.45
C VAL A 41 -4.44 -0.49 10.52
N ALA A 42 -4.86 -0.20 11.74
CA ALA A 42 -3.94 -0.09 12.87
C ALA A 42 -2.91 1.00 12.65
N GLY A 43 -3.31 2.05 11.93
CA GLY A 43 -2.47 3.22 11.74
C GLY A 43 -1.65 3.10 10.46
N LYS A 44 -1.69 1.93 9.84
CA LYS A 44 -0.95 1.68 8.61
C LYS A 44 -1.84 1.80 7.39
N ILE A 45 -1.33 2.45 6.35
CA ILE A 45 -2.11 2.69 5.14
C ILE A 45 -1.70 1.72 4.02
N LEU A 46 -2.64 0.90 3.58
CA LEU A 46 -2.40 -0.02 2.48
C LEU A 46 -3.12 0.44 1.21
N ILE A 47 -2.45 0.28 0.08
CA ILE A 47 -3.10 0.46 -1.23
C ILE A 47 -2.94 -0.79 -2.09
N ILE A 48 -4.07 -1.40 -2.42
CA ILE A 48 -4.06 -2.63 -3.22
C ILE A 48 -4.29 -2.33 -4.69
N VAL A 49 -3.30 -2.65 -5.52
CA VAL A 49 -3.38 -2.38 -6.95
C VAL A 49 -3.34 -3.68 -7.76
N GLU A 50 -4.37 -3.90 -8.57
CA GLU A 50 -4.44 -5.08 -9.42
C GLU A 50 -4.55 -4.68 -10.88
N LYS A 51 -3.81 -5.38 -11.74
CA LYS A 51 -3.86 -5.13 -13.18
C LYS A 51 -3.20 -6.27 -13.96
N ARG A 52 -3.68 -6.50 -15.18
CA ARG A 52 -3.14 -7.56 -16.02
C ARG A 52 -1.71 -7.27 -16.43
N ALA A 53 -1.32 -5.99 -16.36
CA ALA A 53 0.01 -5.58 -16.74
C ALA A 53 0.97 -5.66 -15.54
N GLY A 54 0.43 -6.04 -14.39
CA GLY A 54 1.23 -6.17 -13.18
C GLY A 54 0.55 -5.52 -11.99
N SER A 55 0.63 -6.17 -10.83
CA SER A 55 0.02 -5.65 -9.62
C SER A 55 1.03 -4.88 -8.78
N ARG A 56 0.54 -4.06 -7.86
CA ARG A 56 1.39 -3.29 -6.97
C ARG A 56 0.86 -3.28 -5.55
N LEU A 57 1.77 -3.20 -4.59
CA LEU A 57 1.39 -3.10 -3.18
C LEU A 57 2.12 -1.93 -2.50
N LEU A 58 1.35 -1.01 -1.95
CA LEU A 58 1.91 0.13 -1.24
C LEU A 58 1.65 0.04 0.26
N LEU A 59 2.68 0.35 1.06
CA LEU A 59 2.50 0.52 2.50
C LEU A 59 3.18 1.80 2.98
N LEU A 60 2.38 2.70 3.53
CA LEU A 60 2.89 3.96 4.06
C LEU A 60 2.77 4.02 5.57
N TYR A 61 3.90 4.29 6.24
CA TYR A 61 3.93 4.33 7.69
C TYR A 61 5.32 4.68 8.21
N ALA A 62 5.37 5.42 9.30
CA ALA A 62 6.64 5.78 9.93
C ALA A 62 7.51 6.60 8.99
N GLY A 63 6.87 7.26 8.03
CA GLY A 63 7.58 8.12 7.08
C GLY A 63 8.19 7.29 5.95
N ARG A 64 7.91 6.00 5.95
CA ARG A 64 8.42 5.10 4.92
C ARG A 64 7.36 4.80 3.87
N VAL A 65 7.80 4.63 2.63
CA VAL A 65 6.90 4.22 1.55
C VAL A 65 7.41 2.96 0.87
N ILE A 66 6.72 1.85 1.10
CA ILE A 66 7.10 0.58 0.49
C ILE A 66 6.28 0.31 -0.77
N GLU A 67 6.98 0.11 -1.88
CA GLU A 67 6.32 -0.19 -3.15
C GLU A 67 6.83 -1.49 -3.75
N LYS A 68 5.95 -2.46 -3.89
CA LYS A 68 6.32 -3.76 -4.44
C LYS A 68 5.48 -4.11 -5.66
N GLU A 69 6.02 -4.96 -6.52
CA GLU A 69 5.33 -5.36 -7.74
C GLU A 69 5.24 -6.87 -7.86
N GLY A 70 4.09 -7.35 -8.34
CA GLY A 70 3.89 -8.78 -8.56
C GLY A 70 3.23 -9.43 -7.36
N MET A 71 2.76 -8.60 -6.42
CA MET A 71 2.08 -9.10 -5.23
C MET A 71 0.67 -9.55 -5.55
N SER A 72 0.38 -10.82 -5.28
CA SER A 72 -0.91 -11.40 -5.60
C SER A 72 -1.97 -11.01 -4.57
N ARG A 73 -3.23 -11.24 -4.91
CA ARG A 73 -4.33 -10.90 -4.02
C ARG A 73 -4.20 -11.61 -2.67
N GLU A 74 -3.74 -12.85 -2.72
CA GLU A 74 -3.52 -13.63 -1.50
C GLU A 74 -2.35 -13.07 -0.70
N GLU A 75 -1.31 -12.64 -1.40
CA GLU A 75 -0.09 -12.18 -0.75
C GLU A 75 -0.31 -10.84 -0.06
N VAL A 76 -1.04 -9.94 -0.71
CA VAL A 76 -1.35 -8.64 -0.14
C VAL A 76 -2.36 -8.76 0.99
N GLU A 77 -3.17 -9.81 0.95
CA GLU A 77 -4.05 -10.14 2.06
C GLU A 77 -3.27 -10.63 3.27
N ALA A 78 -2.26 -11.46 3.01
CA ALA A 78 -1.36 -11.92 4.06
C ALA A 78 -0.64 -10.75 4.73
N ILE A 79 -0.23 -9.79 3.92
CA ILE A 79 0.37 -8.56 4.44
C ILE A 79 -0.63 -7.75 5.25
N LYS A 80 -1.85 -7.64 4.74
CA LYS A 80 -2.93 -6.98 5.45
C LYS A 80 -3.13 -7.58 6.84
N GLN A 81 -3.10 -8.91 6.90
CA GLN A 81 -3.26 -9.62 8.17
C GLN A 81 -2.13 -9.28 9.13
N LEU A 82 -0.91 -9.21 8.61
CA LEU A 82 0.24 -8.83 9.41
C LEU A 82 0.11 -7.40 9.92
N ILE A 83 -0.40 -6.52 9.06
CA ILE A 83 -0.68 -5.14 9.45
C ILE A 83 -1.68 -5.08 10.60
N SER A 84 -2.72 -5.89 10.51
CA SER A 84 -3.74 -5.96 11.56
C SER A 84 -3.18 -6.61 12.82
N ALA A 85 -2.10 -7.38 12.66
CA ALA A 85 -1.42 -7.98 13.80
C ALA A 85 -0.56 -6.96 14.53
N GLY A 86 -0.35 -5.81 13.90
CA GLY A 86 0.40 -4.72 14.51
C GLY A 86 1.84 -4.69 14.02
N ALA A 87 2.08 -5.30 12.87
CA ALA A 87 3.41 -5.32 12.27
C ALA A 87 3.80 -3.95 11.76
N THR A 88 5.09 -3.60 11.91
CA THR A 88 5.59 -2.30 11.46
C THR A 88 5.98 -2.34 10.00
N VAL A 89 6.21 -1.17 9.43
CA VAL A 89 6.58 -1.06 8.02
C VAL A 89 7.89 -1.78 7.74
N GLU A 90 8.75 -1.86 8.74
CA GLU A 90 10.02 -2.56 8.62
C GLU A 90 9.82 -4.07 8.67
N GLU A 91 8.97 -4.51 9.60
CA GLU A 91 8.68 -5.94 9.74
C GLU A 91 7.99 -6.49 8.51
N ILE A 92 7.08 -5.70 7.94
CA ILE A 92 6.39 -6.08 6.71
C ILE A 92 7.37 -6.24 5.56
N GLU A 93 8.29 -5.29 5.43
CA GLU A 93 9.32 -5.36 4.40
C GLU A 93 10.14 -6.65 4.53
N ALA A 94 10.48 -7.01 5.76
CA ALA A 94 11.25 -8.22 6.02
C ALA A 94 10.51 -9.45 5.52
N ILE A 95 9.21 -9.50 5.79
CA ILE A 95 8.37 -10.61 5.36
C ILE A 95 8.27 -10.67 3.84
N ILE A 96 8.12 -9.51 3.21
CA ILE A 96 8.04 -9.42 1.77
C ILE A 96 9.33 -9.90 1.11
N LYS A 97 10.46 -9.57 1.72
CA LYS A 97 11.75 -10.06 1.26
C LYS A 97 11.79 -11.58 1.24
N ARG A 98 11.18 -12.19 2.25
CA ARG A 98 11.03 -13.64 2.29
C ARG A 98 10.12 -14.14 1.18
N ILE A 99 9.05 -13.39 0.91
CA ILE A 99 8.17 -13.68 -0.20
C ILE A 99 8.89 -13.56 -1.53
N GLU A 100 9.75 -12.55 -1.65
CA GLU A 100 10.56 -12.36 -2.84
C GLU A 100 11.51 -13.53 -3.05
N ALA A 101 12.09 -14.02 -1.95
CA ALA A 101 12.94 -15.19 -2.00
C ALA A 101 12.18 -16.44 -2.42
N ARG A 102 10.94 -16.54 -1.94
CA ARG A 102 10.09 -17.67 -2.30
C ARG A 102 9.89 -17.76 -3.81
#